data_3ES7
#
_entry.id   3ES7
#
_cell.length_a   121.162
_cell.length_b   121.162
_cell.length_c   122.121
_cell.angle_alpha   90.00
_cell.angle_beta   90.00
_cell.angle_gamma   90.00
#
_symmetry.space_group_name_H-M   'I 4'
#
loop_
_entity.id
_entity.type
_entity.pdbx_description
1 polymer 'Muconate cycloisomerase'
2 non-polymer '(2S)-2-hydroxybutanedioic acid'
3 non-polymer 'MAGNESIUM ION'
4 water water
#
_entity_poly.entity_id   1
_entity_poly.type   'polypeptide(L)'
_entity_poly.pdbx_seq_one_letter_code
;MKITDLELHAVGIPRHTGFVNKHVIVKIHTDEGLTGIGEMSDFSHLPLYSVDLHDLKQGLLSILLGQNPFDLMKINKELT
DNFPETMYYYEKGSFIRNGIDNALHDLCAKYLDISVSDFLGGRVKEKIKVCYPIFRHRFSEEVESNLDVVRQKLEQGFDV
FRLYVGKNLDADEEFLSRVKEEFGSRVRIKSYDFSHLLNWKDAHRAIKRLTKYDLGLEMIESPAPRNDFDGLYQLRLKTD
YPISEHVWSFKQQQEMIKKDAIDIFNISPVFIGGLTSAKKAAYAAEVASKDVVLGTTQELSVGTAAMAHLGCSLTNINHT
SDPTGPELYVGDVVKNRVTYKDGYLYAPDRSVKGLGIELDESLLAKYQVPDLSWDNVTVHQLQDRTADTKS
;
_entity_poly.pdbx_strand_id   A,B
#
loop_
_chem_comp.id
_chem_comp.type
_chem_comp.name
_chem_comp.formula
LMR non-polymer '(2S)-2-hydroxybutanedioic acid' 'C4 H6 O5'
MG non-polymer 'MAGNESIUM ION' 'Mg 2'
#
# COMPACT_ATOMS: atom_id res chain seq x y z
N MET A 1 23.50 -1.77 26.00
CA MET A 1 23.52 -2.30 24.60
C MET A 1 22.63 -1.42 23.72
N LYS A 2 23.23 -0.66 22.82
CA LYS A 2 22.46 0.22 21.96
C LYS A 2 22.89 0.28 20.50
N ILE A 3 21.93 0.55 19.63
CA ILE A 3 22.15 0.64 18.19
C ILE A 3 22.86 1.95 17.88
N THR A 4 23.91 1.89 17.08
CA THR A 4 24.70 3.06 16.73
C THR A 4 24.71 3.42 15.25
N ASP A 5 24.49 2.44 14.38
CA ASP A 5 24.50 2.73 12.95
C ASP A 5 23.75 1.67 12.16
N LEU A 6 23.48 1.97 10.90
CA LEU A 6 22.75 1.09 10.00
C LEU A 6 23.31 1.17 8.59
N GLU A 7 23.38 0.01 7.93
CA GLU A 7 23.88 -0.05 6.56
C GLU A 7 22.85 -0.79 5.69
N LEU A 8 22.61 -0.27 4.49
CA LEU A 8 21.69 -0.88 3.55
C LEU A 8 22.46 -1.13 2.26
N HIS A 9 22.62 -2.42 1.92
CA HIS A 9 23.34 -2.82 0.71
C HIS A 9 22.39 -3.41 -0.33
N ALA A 10 22.22 -2.69 -1.44
CA ALA A 10 21.34 -3.16 -2.49
C ALA A 10 22.07 -4.14 -3.42
N VAL A 11 21.39 -5.22 -3.78
CA VAL A 11 21.97 -6.19 -4.69
C VAL A 11 20.96 -6.66 -5.72
N GLY A 12 21.47 -7.17 -6.83
CA GLY A 12 20.60 -7.68 -7.87
C GLY A 12 21.08 -9.09 -8.15
N ILE A 13 20.19 -10.06 -8.07
CA ILE A 13 20.56 -11.44 -8.31
C ILE A 13 19.55 -12.15 -9.20
N PRO A 14 19.99 -12.62 -10.37
CA PRO A 14 19.09 -13.31 -11.30
C PRO A 14 18.74 -14.71 -10.84
N ARG A 15 17.61 -15.22 -11.33
CA ARG A 15 17.16 -16.56 -11.01
C ARG A 15 17.52 -17.44 -12.20
N HIS A 16 17.41 -18.75 -12.03
CA HIS A 16 17.71 -19.65 -13.12
C HIS A 16 16.63 -19.51 -14.19
N THR A 17 15.49 -18.96 -13.81
CA THR A 17 14.39 -18.75 -14.74
C THR A 17 14.65 -17.51 -15.59
N GLY A 18 15.65 -16.71 -15.20
CA GLY A 18 15.98 -15.51 -15.94
C GLY A 18 15.49 -14.23 -15.29
N PHE A 19 14.55 -14.35 -14.36
CA PHE A 19 14.01 -13.18 -13.67
C PHE A 19 15.07 -12.63 -12.72
N VAL A 20 15.24 -11.32 -12.70
CA VAL A 20 16.22 -10.67 -11.84
C VAL A 20 15.54 -9.90 -10.72
N ASN A 21 15.87 -10.25 -9.48
CA ASN A 21 15.28 -9.61 -8.31
C ASN A 21 16.29 -8.75 -7.56
N LYS A 22 15.83 -7.66 -6.97
CA LYS A 22 16.71 -6.81 -6.20
C LYS A 22 16.36 -7.00 -4.73
N HIS A 23 17.40 -7.08 -3.89
CA HIS A 23 17.23 -7.27 -2.46
C HIS A 23 18.09 -6.23 -1.75
N VAL A 24 17.88 -6.11 -0.45
CA VAL A 24 18.66 -5.17 0.36
C VAL A 24 19.16 -5.90 1.60
N ILE A 25 20.47 -5.97 1.76
CA ILE A 25 21.06 -6.62 2.91
C ILE A 25 21.23 -5.59 4.00
N VAL A 26 20.82 -5.96 5.21
CA VAL A 26 20.88 -5.05 6.34
C VAL A 26 21.96 -5.38 7.35
N LYS A 27 22.55 -4.32 7.90
CA LYS A 27 23.57 -4.44 8.94
C LYS A 27 23.18 -3.44 10.01
N ILE A 28 23.03 -3.92 11.25
CA ILE A 28 22.71 -3.05 12.37
C ILE A 28 23.86 -3.14 13.35
N HIS A 29 24.57 -2.03 13.52
CA HIS A 29 25.72 -1.95 14.41
C HIS A 29 25.37 -1.45 15.80
N THR A 30 26.15 -1.87 16.78
CA THR A 30 25.92 -1.47 18.16
C THR A 30 27.18 -0.88 18.78
N ASP A 31 27.03 -0.32 19.97
CA ASP A 31 28.15 0.29 20.68
C ASP A 31 29.13 -0.79 21.12
N GLU A 32 28.62 -1.99 21.39
CA GLU A 32 29.48 -3.08 21.84
C GLU A 32 30.15 -3.87 20.72
N GLY A 33 29.99 -3.42 19.48
CA GLY A 33 30.62 -4.09 18.36
C GLY A 33 29.88 -5.24 17.72
N LEU A 34 28.74 -5.65 18.29
CA LEU A 34 27.97 -6.73 17.72
C LEU A 34 27.12 -6.21 16.56
N THR A 35 27.09 -6.97 15.46
CA THR A 35 26.32 -6.55 14.30
C THR A 35 25.29 -7.59 13.91
N GLY A 36 24.07 -7.15 13.66
CA GLY A 36 23.01 -8.06 13.24
C GLY A 36 22.82 -7.89 11.74
N ILE A 37 22.68 -8.99 11.01
CA ILE A 37 22.47 -8.90 9.57
C ILE A 37 21.05 -9.31 9.23
N GLY A 38 20.48 -8.66 8.23
CA GLY A 38 19.12 -8.97 7.84
C GLY A 38 18.90 -8.84 6.35
N GLU A 39 17.66 -9.07 5.92
CA GLU A 39 17.34 -9.00 4.50
C GLU A 39 15.95 -8.47 4.20
N MET A 40 15.88 -7.44 3.36
CA MET A 40 14.61 -6.88 2.90
C MET A 40 14.48 -7.59 1.55
N SER A 41 13.81 -8.74 1.57
CA SER A 41 13.65 -9.59 0.39
C SER A 41 12.73 -9.19 -0.76
N ASP A 42 13.21 -9.44 -1.96
CA ASP A 42 12.50 -9.20 -3.22
C ASP A 42 11.62 -7.97 -3.34
N PHE A 43 12.24 -6.82 -3.62
CA PHE A 43 11.50 -5.58 -3.82
C PHE A 43 10.92 -5.57 -5.23
N SER A 44 11.30 -6.55 -6.04
CA SER A 44 10.86 -6.61 -7.43
C SER A 44 9.42 -7.05 -7.70
N HIS A 45 8.48 -6.43 -6.99
CA HIS A 45 7.04 -6.71 -7.15
C HIS A 45 6.34 -5.37 -7.35
N LEU A 46 5.17 -5.39 -8.00
CA LEU A 46 4.42 -4.16 -8.20
C LEU A 46 4.10 -3.65 -6.79
N PRO A 47 3.83 -2.35 -6.62
CA PRO A 47 3.76 -1.27 -7.62
C PRO A 47 5.09 -0.94 -8.31
N LEU A 48 4.99 -0.37 -9.50
CA LEU A 48 6.16 -0.02 -10.30
C LEU A 48 6.87 1.29 -9.95
N TYR A 49 7.29 1.42 -8.69
CA TYR A 49 8.06 2.58 -8.25
C TYR A 49 9.11 2.01 -7.30
N SER A 50 10.14 2.78 -7.01
CA SER A 50 11.19 2.30 -6.13
C SER A 50 11.49 3.25 -4.97
N VAL A 51 11.93 2.65 -3.87
CA VAL A 51 12.24 3.38 -2.65
C VAL A 51 13.67 3.93 -2.61
N ASP A 52 13.80 5.21 -2.28
CA ASP A 52 15.09 5.89 -2.18
C ASP A 52 15.78 5.33 -0.94
N LEU A 53 16.89 4.61 -1.11
CA LEU A 53 17.58 4.03 0.03
C LEU A 53 18.36 5.00 0.90
N HIS A 54 18.76 6.13 0.34
CA HIS A 54 19.50 7.13 1.11
C HIS A 54 18.53 7.72 2.11
N ASP A 55 17.33 8.05 1.65
CA ASP A 55 16.29 8.60 2.50
C ASP A 55 15.84 7.56 3.53
N LEU A 56 15.71 6.31 3.08
CA LEU A 56 15.26 5.24 3.98
C LEU A 56 16.24 5.03 5.12
N LYS A 57 17.53 5.04 4.82
CA LYS A 57 18.52 4.86 5.87
C LYS A 57 18.35 5.93 6.95
N GLN A 58 18.09 7.16 6.53
CA GLN A 58 17.92 8.26 7.49
C GLN A 58 16.67 8.04 8.34
N GLY A 59 15.57 7.68 7.68
CA GLY A 59 14.33 7.44 8.39
C GLY A 59 14.47 6.30 9.38
N LEU A 60 15.10 5.22 8.95
CA LEU A 60 15.28 4.07 9.84
C LEU A 60 16.23 4.36 10.99
N LEU A 61 17.31 5.09 10.72
CA LEU A 61 18.26 5.43 11.78
C LEU A 61 17.56 6.28 12.82
N SER A 62 16.75 7.22 12.35
CA SER A 62 15.99 8.09 13.24
C SER A 62 15.19 7.26 14.23
N ILE A 63 14.66 6.14 13.75
CA ILE A 63 13.88 5.24 14.59
C ILE A 63 14.75 4.39 15.51
N LEU A 64 15.75 3.73 14.93
CA LEU A 64 16.63 2.83 15.66
C LEU A 64 17.78 3.37 16.52
N LEU A 65 18.40 4.46 16.08
CA LEU A 65 19.53 5.03 16.82
C LEU A 65 19.34 5.15 18.33
N GLY A 66 20.25 4.53 19.07
CA GLY A 66 20.21 4.60 20.52
C GLY A 66 19.30 3.61 21.22
N GLN A 67 18.50 2.87 20.46
CA GLN A 67 17.61 1.89 21.06
C GLN A 67 18.28 0.59 21.47
N ASN A 68 17.64 -0.10 22.41
CA ASN A 68 18.10 -1.38 22.93
C ASN A 68 17.51 -2.44 21.98
N PRO A 69 18.37 -3.16 21.23
CA PRO A 69 17.88 -4.17 20.29
C PRO A 69 16.93 -5.20 20.88
N PHE A 70 16.98 -5.38 22.20
CA PHE A 70 16.12 -6.33 22.88
C PHE A 70 14.68 -5.83 23.02
N ASP A 71 14.46 -4.55 22.77
CA ASP A 71 13.10 -3.99 22.87
C ASP A 71 12.38 -4.25 21.55
N LEU A 72 12.19 -5.53 21.23
CA LEU A 72 11.53 -5.91 19.98
C LEU A 72 10.09 -5.42 19.82
N MET A 73 9.29 -5.52 20.88
CA MET A 73 7.90 -5.09 20.83
C MET A 73 7.81 -3.57 20.60
N LYS A 74 8.60 -2.83 21.35
CA LYS A 74 8.64 -1.37 21.25
C LYS A 74 9.08 -0.96 19.85
N ILE A 75 10.20 -1.51 19.40
CA ILE A 75 10.72 -1.19 18.09
C ILE A 75 9.75 -1.55 16.97
N ASN A 76 9.13 -2.72 17.07
CA ASN A 76 8.19 -3.13 16.02
C ASN A 76 6.95 -2.24 15.99
N LYS A 77 6.57 -1.71 17.15
CA LYS A 77 5.43 -0.82 17.23
C LYS A 77 5.78 0.45 16.44
N GLU A 78 6.97 0.98 16.73
CA GLU A 78 7.42 2.20 16.05
C GLU A 78 7.63 1.96 14.56
N LEU A 79 8.07 0.76 14.19
CA LEU A 79 8.27 0.44 12.79
C LEU A 79 6.91 0.44 12.09
N THR A 80 5.92 -0.18 12.71
CA THR A 80 4.58 -0.22 12.13
C THR A 80 3.94 1.17 12.10
N ASP A 81 4.29 2.02 13.07
CA ASP A 81 3.76 3.38 13.11
C ASP A 81 4.22 4.14 11.87
N ASN A 82 5.47 3.93 11.47
CA ASN A 82 6.04 4.62 10.32
C ASN A 82 5.81 3.93 8.98
N PHE A 83 5.53 2.63 9.02
CA PHE A 83 5.29 1.85 7.80
C PHE A 83 4.02 1.02 8.02
N PRO A 84 2.85 1.69 8.01
CA PRO A 84 1.53 1.10 8.22
C PRO A 84 1.16 -0.07 7.31
N GLU A 85 0.37 -0.99 7.84
CA GLU A 85 -0.10 -2.13 7.06
C GLU A 85 -1.12 -1.55 6.09
N THR A 86 -1.12 -2.05 4.86
CA THR A 86 -2.01 -1.54 3.84
C THR A 86 -3.02 -2.50 3.25
N MET A 87 -3.00 -3.76 3.67
CA MET A 87 -3.93 -4.75 3.12
C MET A 87 -3.51 -5.12 1.69
N TYR A 88 -2.24 -4.90 1.38
CA TYR A 88 -1.74 -5.23 0.05
C TYR A 88 -0.63 -6.27 0.19
N TYR A 89 -0.71 -7.31 -0.64
CA TYR A 89 0.25 -8.40 -0.62
C TYR A 89 1.71 -7.93 -0.69
N TYR A 90 2.01 -7.03 -1.61
CA TYR A 90 3.38 -6.57 -1.78
C TYR A 90 3.72 -5.15 -1.29
N GLU A 91 3.28 -4.77 -0.11
CA GLU A 91 3.59 -3.44 0.42
C GLU A 91 5.10 -3.40 0.72
N LYS A 92 5.82 -2.52 0.04
CA LYS A 92 7.26 -2.44 0.25
C LYS A 92 7.64 -2.13 1.70
N GLY A 93 6.74 -1.47 2.42
CA GLY A 93 7.00 -1.16 3.81
C GLY A 93 7.13 -2.42 4.65
N SER A 94 6.46 -3.49 4.23
CA SER A 94 6.52 -4.75 4.96
C SER A 94 7.90 -5.38 4.75
N PHE A 95 8.42 -5.29 3.53
CA PHE A 95 9.74 -5.85 3.24
C PHE A 95 10.78 -5.13 4.09
N ILE A 96 10.61 -3.82 4.21
CA ILE A 96 11.52 -2.98 4.98
C ILE A 96 11.53 -3.36 6.46
N ARG A 97 10.34 -3.44 7.06
CA ARG A 97 10.25 -3.81 8.46
C ARG A 97 10.87 -5.19 8.67
N ASN A 98 10.60 -6.09 7.73
CA ASN A 98 11.12 -7.45 7.81
C ASN A 98 12.65 -7.47 7.94
N GLY A 99 13.32 -6.72 7.08
CA GLY A 99 14.78 -6.67 7.10
C GLY A 99 15.32 -6.17 8.42
N ILE A 100 14.65 -5.18 8.99
CA ILE A 100 15.09 -4.64 10.27
C ILE A 100 14.85 -5.62 11.39
N ASP A 101 13.65 -6.19 11.44
CA ASP A 101 13.33 -7.12 12.50
C ASP A 101 14.16 -8.41 12.47
N ASN A 102 14.42 -8.97 11.28
CA ASN A 102 15.23 -10.18 11.30
C ASN A 102 16.68 -9.87 11.66
N ALA A 103 17.13 -8.65 11.35
CA ALA A 103 18.49 -8.24 11.70
C ALA A 103 18.58 -8.10 13.23
N LEU A 104 17.49 -7.63 13.83
CA LEU A 104 17.46 -7.47 15.29
C LEU A 104 17.48 -8.84 15.97
N HIS A 105 16.83 -9.83 15.36
CA HIS A 105 16.82 -11.17 15.95
C HIS A 105 18.24 -11.73 15.90
N ASP A 106 18.91 -11.52 14.78
CA ASP A 106 20.29 -11.99 14.59
C ASP A 106 21.16 -11.34 15.67
N LEU A 107 21.01 -10.03 15.80
CA LEU A 107 21.77 -9.24 16.77
C LEU A 107 21.57 -9.73 18.20
N CYS A 108 20.31 -9.83 18.63
CA CYS A 108 20.00 -10.30 19.98
C CYS A 108 20.56 -11.70 20.25
N ALA A 109 20.40 -12.60 19.29
CA ALA A 109 20.89 -13.97 19.44
C ALA A 109 22.41 -14.00 19.56
N LYS A 110 23.09 -13.19 18.74
CA LYS A 110 24.55 -13.15 18.79
C LYS A 110 25.00 -12.68 20.17
N TYR A 111 24.36 -11.63 20.68
CA TYR A 111 24.68 -11.09 21.99
C TYR A 111 24.53 -12.15 23.08
N LEU A 112 23.49 -12.97 22.96
CA LEU A 112 23.22 -14.02 23.93
C LEU A 112 24.00 -15.30 23.66
N ASP A 113 24.73 -15.33 22.55
CA ASP A 113 25.51 -16.50 22.16
C ASP A 113 24.62 -17.73 21.98
N ILE A 114 23.50 -17.54 21.28
CA ILE A 114 22.58 -18.63 21.00
C ILE A 114 22.07 -18.49 19.57
N SER A 115 21.50 -19.57 19.05
CA SER A 115 20.95 -19.56 17.71
C SER A 115 19.63 -18.80 17.77
N VAL A 116 19.21 -18.23 16.65
CA VAL A 116 17.93 -17.53 16.64
C VAL A 116 16.84 -18.55 17.00
N SER A 117 17.09 -19.83 16.67
CA SER A 117 16.10 -20.86 17.00
C SER A 117 15.72 -20.82 18.47
N ASP A 118 16.73 -20.72 19.34
CA ASP A 118 16.45 -20.70 20.78
C ASP A 118 15.94 -19.36 21.29
N PHE A 119 15.88 -18.37 20.41
CA PHE A 119 15.38 -17.06 20.79
C PHE A 119 13.91 -16.99 20.34
N LEU A 120 13.48 -17.99 19.58
CA LEU A 120 12.12 -18.06 19.05
C LEU A 120 11.23 -19.17 19.63
N GLY A 121 11.70 -19.85 20.68
CA GLY A 121 10.89 -20.91 21.25
C GLY A 121 11.42 -22.31 21.02
N GLY A 122 12.67 -22.41 20.59
CA GLY A 122 13.29 -23.70 20.36
C GLY A 122 12.81 -24.40 19.11
N ARG A 123 12.98 -25.72 19.09
CA ARG A 123 12.57 -26.48 17.92
C ARG A 123 11.55 -27.56 18.15
N VAL A 124 10.72 -27.77 17.13
CA VAL A 124 9.68 -28.79 17.13
C VAL A 124 10.14 -29.81 16.08
N LYS A 125 10.94 -29.33 15.14
CA LYS A 125 11.49 -30.17 14.06
C LYS A 125 12.82 -29.56 13.64
N GLU A 126 13.64 -30.34 12.94
CA GLU A 126 14.96 -29.86 12.50
C GLU A 126 15.00 -29.42 11.04
N LYS A 127 13.94 -29.72 10.31
CA LYS A 127 13.86 -29.35 8.90
C LYS A 127 12.38 -29.29 8.51
N ILE A 128 12.08 -28.57 7.44
CA ILE A 128 10.71 -28.44 6.99
C ILE A 128 10.61 -28.81 5.51
N LYS A 129 9.61 -29.61 5.17
CA LYS A 129 9.42 -30.02 3.80
C LYS A 129 8.98 -28.82 2.97
N VAL A 130 9.63 -28.62 1.83
CA VAL A 130 9.30 -27.51 0.94
C VAL A 130 9.03 -28.04 -0.47
N CYS A 131 8.64 -27.15 -1.38
CA CYS A 131 8.37 -27.54 -2.75
C CYS A 131 9.04 -26.57 -3.70
N TYR A 132 9.41 -27.05 -4.88
CA TYR A 132 10.05 -26.21 -5.88
C TYR A 132 8.95 -25.64 -6.76
N PRO A 133 9.00 -24.34 -7.08
CA PRO A 133 7.98 -23.69 -7.90
C PRO A 133 8.10 -23.86 -9.41
N ILE A 134 6.94 -24.02 -10.03
CA ILE A 134 6.85 -24.11 -11.48
C ILE A 134 5.94 -22.93 -11.79
N PHE A 135 6.52 -21.91 -12.41
CA PHE A 135 5.76 -20.71 -12.70
C PHE A 135 4.73 -20.90 -13.80
N ARG A 136 3.65 -20.13 -13.74
CA ARG A 136 2.55 -20.30 -14.68
C ARG A 136 2.84 -20.23 -16.16
N HIS A 137 2.15 -21.11 -16.88
CA HIS A 137 2.25 -21.20 -18.32
C HIS A 137 1.22 -20.25 -18.92
N ARG A 138 1.65 -19.38 -19.81
CA ARG A 138 0.73 -18.48 -20.48
C ARG A 138 0.48 -19.10 -21.85
N PHE A 139 1.41 -19.98 -22.25
CA PHE A 139 1.33 -20.65 -23.54
C PHE A 139 1.69 -22.13 -23.43
N SER A 140 1.12 -22.93 -24.32
CA SER A 140 1.37 -24.37 -24.34
C SER A 140 2.82 -24.70 -24.66
N GLU A 141 3.48 -23.81 -25.42
CA GLU A 141 4.88 -24.03 -25.78
C GLU A 141 5.84 -23.85 -24.61
N GLU A 142 5.31 -23.47 -23.45
CA GLU A 142 6.13 -23.27 -22.26
C GLU A 142 6.20 -24.56 -21.43
N VAL A 143 5.31 -25.50 -21.74
CA VAL A 143 5.24 -26.75 -21.01
C VAL A 143 6.51 -27.61 -21.02
N GLU A 144 7.02 -27.91 -22.21
CA GLU A 144 8.21 -28.74 -22.34
C GLU A 144 9.33 -28.33 -21.38
N SER A 145 9.70 -27.05 -21.44
CA SER A 145 10.76 -26.53 -20.57
C SER A 145 10.47 -26.80 -19.09
N ASN A 146 9.24 -26.56 -18.66
CA ASN A 146 8.86 -26.78 -17.27
C ASN A 146 8.92 -28.25 -16.88
N LEU A 147 8.73 -29.14 -17.84
CA LEU A 147 8.79 -30.57 -17.56
C LEU A 147 10.25 -30.94 -17.29
N ASP A 148 11.17 -30.28 -17.98
CA ASP A 148 12.59 -30.54 -17.77
C ASP A 148 12.97 -30.06 -16.37
N VAL A 149 12.38 -28.95 -15.95
CA VAL A 149 12.67 -28.42 -14.62
C VAL A 149 12.31 -29.47 -13.59
N VAL A 150 11.13 -30.08 -13.76
CA VAL A 150 10.68 -31.11 -12.84
C VAL A 150 11.63 -32.30 -12.85
N ARG A 151 11.99 -32.73 -14.06
CA ARG A 151 12.90 -33.86 -14.23
C ARG A 151 14.22 -33.58 -13.52
N GLN A 152 14.76 -32.39 -13.74
CA GLN A 152 16.02 -31.99 -13.14
C GLN A 152 15.96 -31.82 -11.62
N LYS A 153 14.95 -31.10 -11.13
CA LYS A 153 14.86 -30.89 -9.69
C LYS A 153 14.55 -32.17 -8.93
N LEU A 154 13.78 -33.08 -9.54
CA LEU A 154 13.47 -34.35 -8.89
C LEU A 154 14.75 -35.14 -8.67
N GLU A 155 15.61 -35.14 -9.67
CA GLU A 155 16.88 -35.86 -9.61
C GLU A 155 17.74 -35.27 -8.50
N GLN A 156 17.55 -33.98 -8.23
CA GLN A 156 18.30 -33.28 -7.20
C GLN A 156 17.70 -33.45 -5.81
N GLY A 157 16.57 -34.14 -5.72
CA GLY A 157 15.95 -34.37 -4.44
C GLY A 157 14.59 -33.72 -4.18
N PHE A 158 14.18 -32.80 -5.04
CA PHE A 158 12.87 -32.15 -4.85
C PHE A 158 11.76 -32.99 -5.46
N ASP A 159 11.05 -33.76 -4.63
CA ASP A 159 9.97 -34.58 -5.14
C ASP A 159 8.61 -33.89 -5.04
N VAL A 160 8.58 -32.71 -4.44
CA VAL A 160 7.34 -31.95 -4.32
C VAL A 160 7.48 -30.59 -4.98
N PHE A 161 6.46 -30.22 -5.76
CA PHE A 161 6.45 -28.94 -6.46
C PHE A 161 5.11 -28.25 -6.21
N ARG A 162 5.00 -27.04 -6.70
CA ARG A 162 3.75 -26.30 -6.63
C ARG A 162 3.61 -25.67 -8.00
N LEU A 163 2.38 -25.51 -8.47
CA LEU A 163 2.15 -24.95 -9.80
C LEU A 163 1.28 -23.70 -9.79
N TYR A 164 1.78 -22.64 -10.43
CA TYR A 164 1.03 -21.40 -10.55
C TYR A 164 0.13 -21.61 -11.77
N VAL A 165 -1.16 -21.35 -11.61
CA VAL A 165 -2.14 -21.55 -12.68
C VAL A 165 -3.09 -20.36 -12.82
N GLY A 166 -4.02 -20.45 -13.76
CA GLY A 166 -4.99 -19.38 -13.92
C GLY A 166 -5.02 -18.62 -15.23
N LYS A 167 -3.86 -18.40 -15.85
CA LYS A 167 -3.78 -17.66 -17.11
C LYS A 167 -4.26 -18.44 -18.33
N ASN A 168 -3.84 -19.69 -18.42
CA ASN A 168 -4.19 -20.55 -19.53
C ASN A 168 -4.48 -21.96 -19.00
N LEU A 169 -5.75 -22.24 -18.69
CA LEU A 169 -6.14 -23.54 -18.16
C LEU A 169 -5.73 -24.71 -19.03
N ASP A 170 -5.74 -24.52 -20.35
CA ASP A 170 -5.34 -25.60 -21.25
C ASP A 170 -3.88 -25.94 -21.00
N ALA A 171 -3.05 -24.91 -20.89
CA ALA A 171 -1.62 -25.11 -20.63
C ALA A 171 -1.41 -25.71 -19.25
N ASP A 172 -2.14 -25.21 -18.26
CA ASP A 172 -2.03 -25.73 -16.90
C ASP A 172 -2.30 -27.24 -16.92
N GLU A 173 -3.41 -27.60 -17.54
CA GLU A 173 -3.84 -28.99 -17.64
C GLU A 173 -2.90 -29.86 -18.48
N GLU A 174 -2.26 -29.27 -19.48
CA GLU A 174 -1.34 -30.01 -20.35
C GLU A 174 -0.13 -30.42 -19.49
N PHE A 175 0.34 -29.48 -18.69
CA PHE A 175 1.48 -29.71 -17.82
C PHE A 175 1.16 -30.85 -16.84
N LEU A 176 0.10 -30.67 -16.06
CA LEU A 176 -0.30 -31.67 -15.08
C LEU A 176 -0.44 -33.06 -15.70
N SER A 177 -1.00 -33.11 -16.90
CA SER A 177 -1.17 -34.38 -17.61
C SER A 177 0.18 -35.01 -17.96
N ARG A 178 1.09 -34.20 -18.51
CA ARG A 178 2.41 -34.68 -18.86
C ARG A 178 3.14 -35.21 -17.63
N VAL A 179 3.14 -34.43 -16.55
CA VAL A 179 3.81 -34.86 -15.32
C VAL A 179 3.32 -36.22 -14.84
N LYS A 180 2.00 -36.35 -14.66
CA LYS A 180 1.44 -37.62 -14.21
C LYS A 180 1.84 -38.77 -15.12
N GLU A 181 1.89 -38.48 -16.42
CA GLU A 181 2.25 -39.46 -17.42
C GLU A 181 3.70 -39.92 -17.30
N GLU A 182 4.61 -38.96 -17.19
CA GLU A 182 6.03 -39.27 -17.10
C GLU A 182 6.56 -39.71 -15.74
N PHE A 183 6.01 -39.16 -14.66
CA PHE A 183 6.49 -39.50 -13.32
C PHE A 183 5.55 -40.34 -12.46
N GLY A 184 4.34 -40.61 -12.96
CA GLY A 184 3.41 -41.41 -12.19
C GLY A 184 3.09 -40.81 -10.84
N SER A 185 3.67 -41.38 -9.78
CA SER A 185 3.44 -40.89 -8.42
C SER A 185 4.76 -40.43 -7.78
N ARG A 186 5.84 -40.44 -8.57
CA ARG A 186 7.15 -40.04 -8.09
C ARG A 186 7.19 -38.57 -7.69
N VAL A 187 6.37 -37.76 -8.36
CA VAL A 187 6.34 -36.33 -8.04
C VAL A 187 4.97 -35.90 -7.54
N ARG A 188 4.98 -34.96 -6.61
CA ARG A 188 3.75 -34.42 -6.04
C ARG A 188 3.71 -32.93 -6.33
N ILE A 189 2.53 -32.43 -6.64
CA ILE A 189 2.31 -31.00 -6.89
C ILE A 189 1.36 -30.68 -5.74
N LYS A 190 1.92 -30.15 -4.65
CA LYS A 190 1.15 -29.88 -3.44
C LYS A 190 0.17 -28.71 -3.50
N SER A 191 0.33 -27.83 -4.48
CA SER A 191 -0.57 -26.70 -4.58
C SER A 191 -0.74 -26.15 -5.99
N TYR A 192 -1.93 -25.64 -6.25
CA TYR A 192 -2.27 -24.99 -7.51
C TYR A 192 -2.53 -23.56 -7.03
N ASP A 193 -1.68 -22.65 -7.45
CA ASP A 193 -1.72 -21.25 -7.01
C ASP A 193 -2.28 -20.32 -8.09
N PHE A 194 -3.43 -19.72 -7.81
CA PHE A 194 -4.08 -18.83 -8.77
C PHE A 194 -3.60 -17.38 -8.68
N SER A 195 -2.85 -17.07 -7.64
CA SER A 195 -2.31 -15.72 -7.45
C SER A 195 -3.36 -14.61 -7.53
N HIS A 196 -4.54 -14.86 -6.95
CA HIS A 196 -5.62 -13.87 -6.92
C HIS A 196 -6.08 -13.41 -8.29
N LEU A 197 -5.71 -14.15 -9.33
CA LEU A 197 -6.06 -13.77 -10.69
C LEU A 197 -7.52 -13.92 -11.09
N LEU A 198 -8.22 -14.90 -10.52
CA LEU A 198 -9.61 -15.16 -10.88
C LEU A 198 -10.66 -14.89 -9.80
N ASN A 199 -11.89 -14.58 -10.23
CA ASN A 199 -12.98 -14.38 -9.29
C ASN A 199 -13.24 -15.81 -8.80
N TRP A 200 -13.81 -15.97 -7.61
CA TRP A 200 -14.00 -17.32 -7.08
C TRP A 200 -14.77 -18.34 -7.92
N LYS A 201 -15.83 -17.91 -8.61
CA LYS A 201 -16.57 -18.86 -9.44
C LYS A 201 -15.72 -19.38 -10.58
N ASP A 202 -14.97 -18.50 -11.23
CA ASP A 202 -14.11 -18.95 -12.32
C ASP A 202 -13.07 -19.89 -11.73
N ALA A 203 -12.57 -19.55 -10.55
CA ALA A 203 -11.57 -20.38 -9.88
C ALA A 203 -12.19 -21.75 -9.60
N HIS A 204 -13.46 -21.76 -9.20
CA HIS A 204 -14.17 -23.01 -8.91
C HIS A 204 -14.18 -23.89 -10.16
N ARG A 205 -14.47 -23.29 -11.31
CA ARG A 205 -14.49 -24.02 -12.57
C ARG A 205 -13.10 -24.58 -12.84
N ALA A 206 -12.09 -23.73 -12.70
CA ALA A 206 -10.70 -24.13 -12.93
C ALA A 206 -10.29 -25.24 -11.97
N ILE A 207 -10.64 -25.06 -10.71
CA ILE A 207 -10.32 -26.06 -9.67
C ILE A 207 -10.95 -27.40 -10.02
N LYS A 208 -12.21 -27.36 -10.44
CA LYS A 208 -12.93 -28.58 -10.80
C LYS A 208 -12.23 -29.33 -11.93
N ARG A 209 -11.73 -28.61 -12.92
CA ARG A 209 -11.05 -29.30 -14.02
C ARG A 209 -9.62 -29.69 -13.68
N LEU A 210 -8.89 -28.81 -13.00
CA LEU A 210 -7.50 -29.11 -12.66
C LEU A 210 -7.38 -30.23 -11.63
N THR A 211 -8.28 -30.27 -10.65
CA THR A 211 -8.22 -31.30 -9.63
C THR A 211 -8.53 -32.70 -10.15
N LYS A 212 -8.62 -32.84 -11.47
CA LYS A 212 -8.84 -34.15 -12.07
C LYS A 212 -7.49 -34.83 -11.90
N TYR A 213 -6.48 -33.99 -11.73
CA TYR A 213 -5.11 -34.44 -11.52
C TYR A 213 -4.77 -34.17 -10.06
N ASP A 214 -4.68 -35.23 -9.27
CA ASP A 214 -4.35 -35.11 -7.86
C ASP A 214 -3.06 -35.89 -7.61
N LEU A 215 -1.94 -35.17 -7.65
CA LEU A 215 -0.63 -35.76 -7.43
C LEU A 215 -0.18 -35.31 -6.05
N GLY A 216 -0.85 -35.84 -5.02
CA GLY A 216 -0.51 -35.44 -3.66
C GLY A 216 -0.90 -33.99 -3.42
N LEU A 217 -2.00 -33.57 -4.02
CA LEU A 217 -2.47 -32.18 -3.86
C LEU A 217 -2.82 -31.93 -2.40
N GLU A 218 -2.29 -30.84 -1.85
CA GLU A 218 -2.52 -30.49 -0.45
C GLU A 218 -3.43 -29.28 -0.26
N MET A 219 -3.39 -28.36 -1.20
CA MET A 219 -4.18 -27.14 -1.06
C MET A 219 -4.34 -26.40 -2.39
N ILE A 220 -5.28 -25.46 -2.40
CA ILE A 220 -5.50 -24.59 -3.54
C ILE A 220 -5.17 -23.23 -2.92
N GLU A 221 -4.25 -22.49 -3.53
CA GLU A 221 -3.86 -21.20 -2.96
C GLU A 221 -4.34 -19.99 -3.72
N SER A 222 -4.67 -18.95 -2.95
CA SER A 222 -5.15 -17.67 -3.49
C SER A 222 -6.16 -17.82 -4.63
N PRO A 223 -7.19 -18.66 -4.44
CA PRO A 223 -8.22 -18.87 -5.48
C PRO A 223 -9.29 -17.77 -5.60
N ALA A 224 -9.02 -16.60 -5.03
CA ALA A 224 -9.95 -15.48 -5.12
C ALA A 224 -9.17 -14.18 -5.16
N PRO A 225 -9.83 -13.07 -5.52
CA PRO A 225 -9.13 -11.78 -5.57
C PRO A 225 -8.61 -11.39 -4.19
N ARG A 226 -7.61 -10.50 -4.15
CA ARG A 226 -7.06 -10.07 -2.87
C ARG A 226 -8.16 -9.51 -1.98
N ASN A 227 -8.16 -9.94 -0.72
CA ASN A 227 -9.13 -9.50 0.27
C ASN A 227 -10.59 -9.85 0.01
N ASP A 228 -10.84 -10.80 -0.89
CA ASP A 228 -12.21 -11.23 -1.15
C ASP A 228 -12.53 -12.35 -0.19
N PHE A 229 -12.74 -11.99 1.08
CA PHE A 229 -13.04 -12.95 2.13
C PHE A 229 -14.31 -13.76 1.88
N ASP A 230 -15.36 -13.09 1.38
CA ASP A 230 -16.61 -13.79 1.10
C ASP A 230 -16.39 -14.85 0.02
N GLY A 231 -15.62 -14.49 -1.00
CA GLY A 231 -15.35 -15.42 -2.08
C GLY A 231 -14.54 -16.61 -1.60
N LEU A 232 -13.54 -16.35 -0.76
CA LEU A 232 -12.70 -17.42 -0.21
C LEU A 232 -13.60 -18.37 0.58
N TYR A 233 -14.48 -17.81 1.40
CA TYR A 233 -15.39 -18.61 2.21
C TYR A 233 -16.30 -19.50 1.38
N GLN A 234 -16.94 -18.93 0.35
CA GLN A 234 -17.82 -19.71 -0.52
C GLN A 234 -17.05 -20.82 -1.20
N LEU A 235 -15.83 -20.52 -1.61
CA LEU A 235 -14.99 -21.51 -2.28
C LEU A 235 -14.57 -22.61 -1.30
N ARG A 236 -14.35 -22.22 -0.05
CA ARG A 236 -13.95 -23.17 0.98
C ARG A 236 -15.08 -24.19 1.20
N LEU A 237 -16.32 -23.75 1.00
CA LEU A 237 -17.48 -24.62 1.17
C LEU A 237 -17.71 -25.53 -0.03
N LYS A 238 -17.28 -25.07 -1.19
CA LYS A 238 -17.46 -25.84 -2.42
C LYS A 238 -16.26 -26.69 -2.80
N THR A 239 -15.15 -26.53 -2.08
CA THR A 239 -13.95 -27.29 -2.40
C THR A 239 -13.60 -28.31 -1.31
N ASP A 240 -13.33 -29.55 -1.70
CA ASP A 240 -12.96 -30.55 -0.72
C ASP A 240 -11.56 -30.25 -0.20
N TYR A 241 -10.71 -29.77 -1.11
CA TYR A 241 -9.33 -29.44 -0.76
C TYR A 241 -9.23 -28.22 0.13
N PRO A 242 -8.18 -28.18 0.97
CA PRO A 242 -8.05 -27.02 1.84
C PRO A 242 -7.75 -25.80 0.96
N ILE A 243 -8.21 -24.64 1.41
CA ILE A 243 -7.99 -23.37 0.73
C ILE A 243 -6.94 -22.61 1.52
N SER A 244 -5.90 -22.12 0.85
CA SER A 244 -4.86 -21.38 1.55
C SER A 244 -4.74 -19.98 0.99
N GLU A 245 -4.37 -19.04 1.85
CA GLU A 245 -4.19 -17.65 1.44
C GLU A 245 -3.08 -17.00 2.25
N HIS A 246 -2.36 -16.09 1.60
CA HIS A 246 -1.28 -15.37 2.24
C HIS A 246 -1.80 -14.39 3.27
N VAL A 247 -1.01 -14.16 4.31
CA VAL A 247 -1.35 -13.21 5.36
C VAL A 247 -0.47 -11.98 5.11
N TRP A 248 -1.07 -10.86 4.68
CA TRP A 248 -0.27 -9.66 4.41
C TRP A 248 -0.50 -8.51 5.38
N SER A 249 -1.46 -8.68 6.30
CA SER A 249 -1.71 -7.68 7.32
C SER A 249 -2.60 -8.31 8.38
N PHE A 250 -2.49 -7.82 9.61
CA PHE A 250 -3.28 -8.35 10.72
C PHE A 250 -4.78 -8.17 10.49
N LYS A 251 -5.16 -7.02 9.92
CA LYS A 251 -6.57 -6.75 9.64
C LYS A 251 -7.10 -7.81 8.68
N GLN A 252 -6.34 -8.07 7.62
CA GLN A 252 -6.73 -9.08 6.64
C GLN A 252 -6.85 -10.45 7.31
N GLN A 253 -5.91 -10.79 8.18
CA GLN A 253 -5.94 -12.09 8.84
C GLN A 253 -7.12 -12.16 9.80
N GLN A 254 -7.36 -11.09 10.55
CA GLN A 254 -8.48 -11.03 11.50
C GLN A 254 -9.77 -11.34 10.75
N GLU A 255 -9.95 -10.70 9.60
CA GLU A 255 -11.16 -10.90 8.79
C GLU A 255 -11.30 -12.32 8.25
N MET A 256 -10.19 -12.94 7.84
CA MET A 256 -10.30 -14.29 7.32
C MET A 256 -10.63 -15.25 8.47
N ILE A 257 -10.22 -14.90 9.68
CA ILE A 257 -10.50 -15.71 10.85
C ILE A 257 -11.96 -15.47 11.27
N LYS A 258 -12.36 -14.21 11.31
CA LYS A 258 -13.73 -13.85 11.67
C LYS A 258 -14.73 -14.58 10.78
N LYS A 259 -14.46 -14.61 9.48
CA LYS A 259 -15.34 -15.26 8.53
C LYS A 259 -15.01 -16.73 8.26
N ASP A 260 -13.99 -17.27 8.91
CA ASP A 260 -13.61 -18.68 8.68
C ASP A 260 -13.47 -18.90 7.18
N ALA A 261 -12.88 -17.92 6.50
CA ALA A 261 -12.72 -17.94 5.06
C ALA A 261 -11.75 -18.94 4.45
N ILE A 262 -10.76 -19.39 5.22
CA ILE A 262 -9.79 -20.34 4.68
C ILE A 262 -9.45 -21.48 5.64
N ASP A 263 -8.67 -22.43 5.14
CA ASP A 263 -8.26 -23.58 5.94
C ASP A 263 -6.80 -23.49 6.37
N ILE A 264 -5.97 -22.93 5.50
CA ILE A 264 -4.54 -22.80 5.79
C ILE A 264 -4.05 -21.38 5.63
N PHE A 265 -3.37 -20.86 6.65
CA PHE A 265 -2.84 -19.52 6.58
C PHE A 265 -1.39 -19.59 6.14
N ASN A 266 -1.11 -18.99 4.98
CA ASN A 266 0.23 -18.96 4.43
C ASN A 266 0.92 -17.76 5.03
N ILE A 267 1.81 -18.01 5.97
CA ILE A 267 2.54 -16.96 6.67
C ILE A 267 4.01 -16.93 6.30
N SER A 268 4.50 -15.74 5.98
CA SER A 268 5.90 -15.55 5.62
C SER A 268 6.36 -14.19 6.13
N PRO A 269 7.51 -14.15 6.83
CA PRO A 269 8.05 -12.90 7.38
C PRO A 269 8.03 -11.67 6.48
N VAL A 270 8.53 -11.80 5.26
CA VAL A 270 8.62 -10.67 4.34
C VAL A 270 7.31 -9.92 4.06
N PHE A 271 6.20 -10.63 3.94
CA PHE A 271 4.91 -10.01 3.65
C PHE A 271 4.16 -9.43 4.85
N ILE A 272 4.58 -9.80 6.05
CA ILE A 272 3.92 -9.33 7.25
C ILE A 272 4.78 -8.41 8.12
N GLY A 273 6.05 -8.25 7.74
CA GLY A 273 6.91 -7.35 8.49
C GLY A 273 8.06 -7.90 9.32
N GLY A 274 8.34 -9.19 9.22
CA GLY A 274 9.46 -9.75 9.98
C GLY A 274 9.10 -10.96 10.84
N LEU A 275 10.08 -11.44 11.60
CA LEU A 275 9.88 -12.59 12.48
C LEU A 275 8.90 -12.27 13.60
N THR A 276 9.03 -11.08 14.18
CA THR A 276 8.15 -10.69 15.26
C THR A 276 6.70 -10.69 14.78
N SER A 277 6.45 -10.06 13.64
CA SER A 277 5.10 -9.98 13.09
C SER A 277 4.58 -11.34 12.62
N ALA A 278 5.48 -12.16 12.07
CA ALA A 278 5.10 -13.50 11.61
C ALA A 278 4.74 -14.39 12.80
N LYS A 279 5.44 -14.22 13.93
CA LYS A 279 5.13 -15.02 15.12
C LYS A 279 3.75 -14.64 15.63
N LYS A 280 3.44 -13.35 15.60
CA LYS A 280 2.12 -12.91 16.06
C LYS A 280 1.04 -13.54 15.17
N ALA A 281 1.26 -13.50 13.85
CA ALA A 281 0.30 -14.08 12.91
C ALA A 281 0.16 -15.60 13.13
N ALA A 282 1.29 -16.27 13.32
CA ALA A 282 1.28 -17.72 13.53
C ALA A 282 0.58 -18.09 14.83
N TYR A 283 0.78 -17.28 15.87
CA TYR A 283 0.14 -17.55 17.15
C TYR A 283 -1.36 -17.27 17.04
N ALA A 284 -1.72 -16.26 16.26
CA ALA A 284 -3.13 -15.94 16.09
C ALA A 284 -3.79 -17.14 15.42
N ALA A 285 -3.11 -17.70 14.43
CA ALA A 285 -3.62 -18.87 13.71
C ALA A 285 -3.74 -20.04 14.67
N GLU A 286 -2.74 -20.22 15.53
CA GLU A 286 -2.77 -21.31 16.51
C GLU A 286 -3.97 -21.14 17.44
N VAL A 287 -4.16 -19.92 17.94
CA VAL A 287 -5.30 -19.64 18.82
C VAL A 287 -6.61 -19.94 18.09
N ALA A 288 -6.61 -19.74 16.78
CA ALA A 288 -7.82 -19.99 15.98
C ALA A 288 -7.90 -21.44 15.50
N SER A 289 -6.96 -22.28 15.94
CA SER A 289 -6.91 -23.68 15.56
C SER A 289 -6.83 -23.84 14.04
N LYS A 290 -6.03 -22.98 13.41
CA LYS A 290 -5.87 -23.01 11.97
C LYS A 290 -4.49 -23.53 11.56
N ASP A 291 -4.45 -24.26 10.46
CA ASP A 291 -3.20 -24.80 9.92
C ASP A 291 -2.38 -23.67 9.31
N VAL A 292 -1.06 -23.81 9.33
CA VAL A 292 -0.17 -22.81 8.77
C VAL A 292 0.86 -23.43 7.84
N VAL A 293 1.22 -22.70 6.79
CA VAL A 293 2.25 -23.15 5.87
C VAL A 293 3.21 -21.97 5.79
N LEU A 294 4.50 -22.27 5.70
CA LEU A 294 5.48 -21.20 5.63
C LEU A 294 5.58 -20.78 4.17
N GLY A 295 5.12 -19.58 3.88
CA GLY A 295 5.15 -19.08 2.51
C GLY A 295 6.48 -18.45 2.17
N THR A 296 6.55 -17.81 1.01
CA THR A 296 7.80 -17.20 0.60
C THR A 296 7.63 -16.18 -0.51
N THR A 297 8.65 -15.32 -0.66
CA THR A 297 8.67 -14.37 -1.76
C THR A 297 9.91 -14.79 -2.54
N GLN A 298 10.54 -15.84 -2.03
CA GLN A 298 11.77 -16.42 -2.56
C GLN A 298 12.89 -15.47 -2.13
N GLU A 299 13.47 -15.74 -0.99
CA GLU A 299 14.52 -14.87 -0.50
C GLU A 299 15.92 -15.50 -0.56
N LEU A 300 16.95 -14.70 -0.25
CA LEU A 300 18.32 -15.20 -0.26
C LEU A 300 18.55 -16.01 1.01
N SER A 301 19.78 -16.48 1.23
CA SER A 301 20.07 -17.30 2.40
C SER A 301 19.87 -16.62 3.74
N VAL A 302 20.09 -15.31 3.80
CA VAL A 302 19.90 -14.60 5.07
C VAL A 302 18.43 -14.67 5.46
N GLY A 303 17.56 -14.31 4.52
CA GLY A 303 16.13 -14.33 4.77
C GLY A 303 15.58 -15.73 4.94
N THR A 304 16.12 -16.70 4.19
CA THR A 304 15.66 -18.08 4.28
C THR A 304 16.08 -18.69 5.62
N ALA A 305 17.25 -18.30 6.13
CA ALA A 305 17.71 -18.82 7.42
C ALA A 305 16.73 -18.35 8.49
N ALA A 306 16.45 -17.05 8.48
CA ALA A 306 15.53 -16.47 9.47
C ALA A 306 14.21 -17.23 9.49
N MET A 307 13.61 -17.44 8.32
CA MET A 307 12.33 -18.13 8.26
C MET A 307 12.44 -19.61 8.62
N ALA A 308 13.60 -20.20 8.40
CA ALA A 308 13.80 -21.62 8.72
C ALA A 308 13.75 -21.77 10.23
N HIS A 309 14.32 -20.82 10.96
CA HIS A 309 14.32 -20.87 12.42
C HIS A 309 12.89 -20.77 12.95
N LEU A 310 12.11 -19.85 12.37
CA LEU A 310 10.73 -19.66 12.80
C LEU A 310 9.95 -20.91 12.43
N GLY A 311 10.10 -21.36 11.20
CA GLY A 311 9.40 -22.54 10.73
C GLY A 311 9.55 -23.75 11.63
N CYS A 312 10.78 -24.02 12.06
CA CYS A 312 11.04 -25.17 12.93
C CYS A 312 10.56 -25.00 14.37
N SER A 313 10.03 -23.82 14.72
CA SER A 313 9.55 -23.59 16.08
C SER A 313 8.03 -23.71 16.17
N LEU A 314 7.36 -23.68 15.02
CA LEU A 314 5.89 -23.74 15.01
C LEU A 314 5.34 -25.16 15.13
N THR A 315 4.22 -25.30 15.83
CA THR A 315 3.59 -26.59 16.04
C THR A 315 2.43 -26.86 15.08
N ASN A 316 2.04 -25.86 14.30
CA ASN A 316 0.91 -26.05 13.40
C ASN A 316 1.20 -26.02 11.90
N ILE A 317 2.39 -26.48 11.51
CA ILE A 317 2.74 -26.57 10.10
C ILE A 317 2.65 -28.06 9.78
N ASN A 318 1.54 -28.43 9.17
CA ASN A 318 1.26 -29.82 8.84
C ASN A 318 1.17 -30.10 7.34
N HIS A 319 1.69 -29.19 6.53
CA HIS A 319 1.68 -29.33 5.08
C HIS A 319 3.04 -28.89 4.53
N THR A 320 3.26 -29.10 3.24
CA THR A 320 4.51 -28.71 2.58
C THR A 320 4.58 -27.19 2.42
N SER A 321 5.75 -26.62 2.69
CA SER A 321 5.95 -25.18 2.61
C SER A 321 6.61 -24.74 1.30
N ASP A 322 6.86 -23.44 1.15
CA ASP A 322 7.37 -22.92 -0.12
C ASP A 322 8.75 -22.26 -0.30
N PRO A 323 9.44 -21.87 0.78
CA PRO A 323 10.74 -21.23 0.59
C PRO A 323 11.89 -22.01 -0.06
N THR A 324 12.18 -21.72 -1.32
CA THR A 324 13.29 -22.37 -2.04
C THR A 324 14.15 -21.34 -2.76
N GLY A 325 14.16 -20.12 -2.23
CA GLY A 325 14.92 -19.05 -2.83
C GLY A 325 16.37 -19.37 -3.19
N PRO A 326 17.18 -19.83 -2.23
CA PRO A 326 18.59 -20.17 -2.48
C PRO A 326 18.83 -21.23 -3.54
N GLU A 327 17.78 -21.96 -3.91
CA GLU A 327 17.86 -22.98 -4.95
C GLU A 327 17.44 -22.37 -6.26
N LEU A 328 16.65 -21.30 -6.18
CA LEU A 328 16.13 -20.62 -7.36
C LEU A 328 17.05 -19.52 -7.89
N TYR A 329 17.74 -18.83 -6.99
CA TYR A 329 18.65 -17.76 -7.38
C TYR A 329 20.01 -18.34 -7.79
N VAL A 330 20.63 -17.74 -8.80
CA VAL A 330 21.92 -18.22 -9.28
C VAL A 330 23.04 -17.85 -8.32
N GLY A 331 22.87 -16.75 -7.60
CA GLY A 331 23.89 -16.34 -6.65
C GLY A 331 23.32 -16.08 -5.28
N ASP A 332 24.21 -15.72 -4.34
CA ASP A 332 23.80 -15.43 -2.97
C ASP A 332 24.85 -14.48 -2.41
N VAL A 333 24.69 -14.06 -1.16
CA VAL A 333 25.63 -13.13 -0.55
C VAL A 333 26.27 -13.70 0.71
N VAL A 334 26.24 -15.01 0.87
CA VAL A 334 26.81 -15.62 2.05
C VAL A 334 27.94 -16.61 1.75
N LYS A 335 28.69 -16.96 2.80
CA LYS A 335 29.79 -17.91 2.65
C LYS A 335 29.25 -19.30 2.40
N ASN A 336 28.18 -19.66 3.11
CA ASN A 336 27.54 -20.96 2.94
C ASN A 336 26.02 -20.81 2.91
N ARG A 337 25.42 -21.19 1.78
CA ARG A 337 23.97 -21.07 1.61
C ARG A 337 23.22 -22.04 2.52
N VAL A 338 21.94 -21.76 2.76
CA VAL A 338 21.14 -22.64 3.59
C VAL A 338 21.11 -23.99 2.87
N THR A 339 20.89 -25.07 3.61
CA THR A 339 20.90 -26.39 2.98
C THR A 339 19.53 -27.02 2.73
N TYR A 340 19.41 -27.62 1.55
CA TYR A 340 18.22 -28.34 1.10
C TYR A 340 18.64 -29.76 0.79
N LYS A 341 17.90 -30.74 1.33
CA LYS A 341 18.21 -32.14 1.08
C LYS A 341 16.92 -32.92 1.05
N ASP A 342 16.73 -33.70 0.00
CA ASP A 342 15.53 -34.51 -0.14
C ASP A 342 14.26 -33.67 -0.07
N GLY A 343 14.32 -32.45 -0.60
CA GLY A 343 13.15 -31.59 -0.59
C GLY A 343 12.80 -31.00 0.76
N TYR A 344 13.80 -30.92 1.65
CA TYR A 344 13.60 -30.37 2.98
C TYR A 344 14.56 -29.19 3.16
N LEU A 345 14.09 -28.15 3.85
CA LEU A 345 14.91 -26.99 4.17
C LEU A 345 15.36 -27.22 5.60
N TYR A 346 16.67 -27.24 5.82
CA TYR A 346 17.20 -27.45 7.16
C TYR A 346 17.42 -26.14 7.90
N ALA A 347 17.10 -26.15 9.19
CA ALA A 347 17.30 -24.98 10.02
C ALA A 347 18.81 -24.89 10.22
N PRO A 348 19.38 -23.67 10.21
CA PRO A 348 20.81 -23.48 10.40
C PRO A 348 21.31 -24.14 11.69
N ASP A 349 22.60 -24.48 11.71
CA ASP A 349 23.25 -25.11 12.87
C ASP A 349 22.83 -24.42 14.16
N ARG A 350 22.19 -25.17 15.05
CA ARG A 350 21.70 -24.62 16.31
C ARG A 350 22.85 -24.21 17.24
N SER A 351 24.06 -24.71 16.95
CA SER A 351 25.24 -24.38 17.76
C SER A 351 25.83 -23.03 17.40
N VAL A 352 25.50 -22.54 16.20
CA VAL A 352 26.02 -21.26 15.76
C VAL A 352 25.12 -20.12 16.24
N LYS A 353 25.70 -19.20 17.01
CA LYS A 353 24.93 -18.07 17.53
C LYS A 353 24.45 -17.17 16.39
N GLY A 354 23.25 -16.62 16.55
CA GLY A 354 22.71 -15.75 15.52
C GLY A 354 21.91 -16.53 14.50
N LEU A 355 21.82 -16.00 13.29
CA LEU A 355 21.09 -16.63 12.20
C LEU A 355 21.75 -17.92 11.73
N GLY A 356 23.05 -18.05 11.97
CA GLY A 356 23.77 -19.24 11.55
C GLY A 356 24.25 -19.10 10.11
N ILE A 357 24.28 -17.85 9.62
CA ILE A 357 24.71 -17.54 8.27
C ILE A 357 25.80 -16.48 8.35
N GLU A 358 26.63 -16.39 7.32
CA GLU A 358 27.70 -15.41 7.31
C GLU A 358 27.78 -14.69 5.96
N LEU A 359 27.81 -13.37 5.99
CA LEU A 359 27.90 -12.59 4.77
C LEU A 359 29.27 -12.76 4.12
N ASP A 360 29.30 -12.66 2.80
CA ASP A 360 30.54 -12.76 2.05
C ASP A 360 30.68 -11.42 1.34
N GLU A 361 31.50 -10.55 1.91
CA GLU A 361 31.70 -9.21 1.38
C GLU A 361 32.03 -9.16 -0.11
N SER A 362 32.74 -10.17 -0.61
CA SER A 362 33.09 -10.18 -2.02
C SER A 362 31.84 -10.38 -2.88
N LEU A 363 30.90 -11.17 -2.38
CA LEU A 363 29.66 -11.43 -3.11
C LEU A 363 28.74 -10.21 -3.02
N LEU A 364 28.80 -9.49 -1.90
CA LEU A 364 27.98 -8.28 -1.74
C LEU A 364 28.44 -7.27 -2.79
N ALA A 365 29.75 -7.20 -2.99
CA ALA A 365 30.31 -6.28 -3.97
C ALA A 365 29.95 -6.75 -5.38
N LYS A 366 30.11 -8.05 -5.60
CA LYS A 366 29.81 -8.63 -6.91
C LYS A 366 28.39 -8.35 -7.39
N TYR A 367 27.41 -8.54 -6.52
CA TYR A 367 26.02 -8.32 -6.88
C TYR A 367 25.49 -6.93 -6.57
N GLN A 368 26.36 -6.04 -6.11
CA GLN A 368 25.93 -4.69 -5.77
C GLN A 368 25.23 -4.00 -6.94
N VAL A 369 24.23 -3.20 -6.59
CA VAL A 369 23.48 -2.42 -7.57
C VAL A 369 23.39 -1.04 -6.92
N PRO A 370 23.41 0.04 -7.72
CA PRO A 370 23.33 1.40 -7.19
C PRO A 370 22.02 1.79 -6.49
N ASP A 371 20.93 1.15 -6.88
CA ASP A 371 19.63 1.44 -6.29
C ASP A 371 18.61 0.34 -6.59
N LEU A 372 17.36 0.58 -6.22
CA LEU A 372 16.30 -0.40 -6.46
C LEU A 372 15.50 -0.09 -7.71
N SER A 373 16.09 0.69 -8.62
CA SER A 373 15.41 1.06 -9.86
C SER A 373 14.93 -0.15 -10.66
N TRP A 374 13.87 0.06 -11.43
CA TRP A 374 13.29 -0.98 -12.27
C TRP A 374 13.92 -1.03 -13.66
N ASP A 375 13.95 -2.23 -14.23
CA ASP A 375 14.45 -2.41 -15.58
C ASP A 375 13.23 -2.74 -16.41
N ASN A 376 13.43 -2.96 -17.71
CA ASN A 376 12.32 -3.28 -18.60
C ASN A 376 11.65 -4.58 -18.21
N VAL A 377 10.36 -4.50 -17.89
CA VAL A 377 9.60 -5.67 -17.50
C VAL A 377 8.11 -5.41 -17.71
N THR A 378 7.35 -6.46 -18.02
CA THR A 378 5.92 -6.32 -18.25
C THR A 378 5.14 -6.72 -17.00
N VAL A 379 3.87 -6.34 -16.97
CA VAL A 379 3.00 -6.66 -15.84
C VAL A 379 2.86 -8.18 -15.72
N HIS A 380 2.66 -8.86 -16.84
CA HIS A 380 2.54 -10.31 -16.84
C HIS A 380 3.79 -10.95 -16.23
N GLN A 381 4.96 -10.42 -16.59
CA GLN A 381 6.22 -10.93 -16.08
C GLN A 381 6.37 -10.70 -14.58
N LEU A 382 5.90 -9.56 -14.11
CA LEU A 382 5.99 -9.26 -12.68
C LEU A 382 5.01 -10.14 -11.90
N GLN A 383 3.85 -10.43 -12.50
CA GLN A 383 2.86 -11.27 -11.83
C GLN A 383 3.32 -12.73 -11.80
N ASP A 384 3.92 -13.18 -12.90
CA ASP A 384 4.34 -14.57 -13.00
C ASP A 384 5.79 -14.87 -12.64
N ARG A 385 6.60 -13.82 -12.47
CA ARG A 385 8.01 -13.98 -12.13
C ARG A 385 8.72 -14.68 -13.28
N THR A 386 8.43 -14.25 -14.50
CA THR A 386 9.03 -14.84 -15.70
C THR A 386 9.87 -13.82 -16.47
N ALA A 387 10.68 -14.30 -17.40
CA ALA A 387 11.52 -13.42 -18.20
C ALA A 387 11.72 -13.97 -19.60
N MET B 1 -2.29 11.98 -32.78
CA MET B 1 -2.00 12.67 -31.48
C MET B 1 -1.37 11.67 -30.50
N LYS B 2 -0.09 11.84 -30.22
CA LYS B 2 0.60 10.92 -29.32
C LYS B 2 1.53 11.56 -28.30
N ILE B 3 1.67 10.88 -27.16
CA ILE B 3 2.53 11.33 -26.08
C ILE B 3 3.99 11.09 -26.47
N THR B 4 4.83 12.10 -26.26
CA THR B 4 6.24 12.00 -26.62
C THR B 4 7.21 12.13 -25.47
N ASP B 5 6.80 12.79 -24.39
CA ASP B 5 7.70 12.97 -23.25
C ASP B 5 6.94 13.30 -21.97
N LEU B 6 7.64 13.20 -20.86
CA LEU B 6 7.06 13.45 -19.55
C LEU B 6 8.06 14.17 -18.65
N GLU B 7 7.58 15.11 -17.85
CA GLU B 7 8.42 15.84 -16.92
C GLU B 7 7.80 15.78 -15.53
N LEU B 8 8.63 15.56 -14.51
CA LEU B 8 8.17 15.51 -13.13
C LEU B 8 8.98 16.54 -12.36
N HIS B 9 8.30 17.56 -11.84
CA HIS B 9 8.93 18.63 -11.08
C HIS B 9 8.53 18.56 -9.61
N ALA B 10 9.49 18.25 -8.75
CA ALA B 10 9.22 18.16 -7.33
C ALA B 10 9.31 19.53 -6.68
N VAL B 11 8.37 19.83 -5.78
CA VAL B 11 8.36 21.10 -5.08
C VAL B 11 8.03 20.90 -3.61
N GLY B 12 8.42 21.87 -2.80
CA GLY B 12 8.14 21.82 -1.38
C GLY B 12 7.46 23.14 -1.05
N ILE B 13 6.27 23.08 -0.47
CA ILE B 13 5.56 24.30 -0.13
C ILE B 13 4.98 24.23 1.28
N PRO B 14 5.41 25.14 2.16
CA PRO B 14 4.92 25.15 3.54
C PRO B 14 3.49 25.68 3.64
N ARG B 15 2.80 25.30 4.72
CA ARG B 15 1.44 25.74 4.97
C ARG B 15 1.53 26.86 6.00
N HIS B 16 0.44 27.59 6.21
CA HIS B 16 0.45 28.65 7.21
C HIS B 16 0.54 28.04 8.59
N THR B 17 0.21 26.75 8.70
CA THR B 17 0.26 26.04 9.97
C THR B 17 1.71 25.64 10.28
N GLY B 18 2.58 25.76 9.28
CA GLY B 18 3.97 25.40 9.47
C GLY B 18 4.37 24.08 8.87
N PHE B 19 3.38 23.24 8.56
CA PHE B 19 3.65 21.94 7.96
C PHE B 19 4.10 22.13 6.52
N VAL B 20 5.14 21.41 6.13
CA VAL B 20 5.68 21.50 4.77
C VAL B 20 5.38 20.24 3.97
N ASN B 21 4.71 20.41 2.85
CA ASN B 21 4.33 19.29 2.00
C ASN B 21 5.10 19.29 0.69
N LYS B 22 5.39 18.11 0.16
CA LYS B 22 6.07 18.03 -1.13
C LYS B 22 5.06 17.53 -2.16
N HIS B 23 5.11 18.14 -3.34
CA HIS B 23 4.21 17.80 -4.42
C HIS B 23 5.05 17.57 -5.67
N VAL B 24 4.41 17.04 -6.71
CA VAL B 24 5.10 16.81 -7.98
C VAL B 24 4.21 17.35 -9.11
N ILE B 25 4.73 18.32 -9.85
CA ILE B 25 3.98 18.88 -10.95
C ILE B 25 4.30 18.08 -12.20
N VAL B 26 3.26 17.72 -12.94
CA VAL B 26 3.42 16.91 -14.14
C VAL B 26 3.21 17.66 -15.43
N LYS B 27 4.01 17.29 -16.43
CA LYS B 27 3.92 17.85 -17.76
C LYS B 27 3.94 16.67 -18.72
N ILE B 28 2.93 16.58 -19.58
CA ILE B 28 2.88 15.51 -20.58
C ILE B 28 2.90 16.17 -21.94
N HIS B 29 3.98 15.91 -22.68
CA HIS B 29 4.18 16.49 -24.01
C HIS B 29 3.71 15.58 -25.13
N THR B 30 3.31 16.19 -26.24
CA THR B 30 2.84 15.43 -27.39
C THR B 30 3.59 15.83 -28.65
N ASP B 31 3.36 15.07 -29.72
CA ASP B 31 4.01 15.33 -30.98
C ASP B 31 3.49 16.63 -31.59
N GLU B 32 2.24 16.97 -31.29
CA GLU B 32 1.64 18.18 -31.84
C GLU B 32 1.93 19.45 -31.04
N GLY B 33 2.75 19.34 -30.01
CA GLY B 33 3.11 20.50 -29.22
C GLY B 33 2.21 20.86 -28.05
N LEU B 34 1.09 20.15 -27.89
CA LEU B 34 0.19 20.41 -26.78
C LEU B 34 0.72 19.74 -25.52
N THR B 35 0.67 20.45 -24.41
CA THR B 35 1.16 19.91 -23.15
C THR B 35 0.07 19.93 -22.07
N GLY B 36 -0.08 18.81 -21.37
CA GLY B 36 -1.04 18.74 -20.30
C GLY B 36 -0.31 18.86 -18.98
N ILE B 37 -0.85 19.63 -18.03
CA ILE B 37 -0.19 19.76 -16.75
C ILE B 37 -1.03 19.07 -15.68
N GLY B 38 -0.34 18.47 -14.71
CA GLY B 38 -1.03 17.76 -13.66
C GLY B 38 -0.33 17.88 -12.33
N GLU B 39 -0.90 17.24 -11.31
CA GLU B 39 -0.33 17.31 -9.98
C GLU B 39 -0.47 16.03 -9.17
N MET B 40 0.65 15.52 -8.66
CA MET B 40 0.67 14.35 -7.79
C MET B 40 0.72 15.02 -6.42
N SER B 41 -0.46 15.27 -5.85
CA SER B 41 -0.60 15.98 -4.58
C SER B 41 -0.20 15.33 -3.26
N ASP B 42 0.42 16.15 -2.41
CA ASP B 42 0.84 15.77 -1.06
C ASP B 42 1.38 14.36 -0.82
N PHE B 43 2.66 14.15 -1.14
CA PHE B 43 3.30 12.87 -0.91
C PHE B 43 3.70 12.76 0.56
N SER B 44 3.56 13.87 1.30
CA SER B 44 3.96 13.92 2.70
C SER B 44 3.06 13.21 3.72
N HIS B 45 2.73 11.96 3.43
CA HIS B 45 1.90 11.14 4.31
C HIS B 45 2.64 9.80 4.52
N LEU B 46 2.37 9.12 5.63
CA LEU B 46 3.00 7.83 5.88
C LEU B 46 2.54 6.94 4.73
N PRO B 47 3.28 5.86 4.42
CA PRO B 47 4.51 5.37 5.05
C PRO B 47 5.73 6.28 4.89
N LEU B 48 6.66 6.13 5.83
CA LEU B 48 7.86 6.96 5.86
C LEU B 48 9.00 6.55 4.92
N TYR B 49 8.71 6.47 3.63
CA TYR B 49 9.73 6.19 2.62
C TYR B 49 9.35 7.08 1.44
N SER B 50 10.30 7.28 0.51
CA SER B 50 10.04 8.15 -0.62
C SER B 50 10.31 7.49 -1.96
N VAL B 51 9.56 7.92 -2.97
CA VAL B 51 9.67 7.39 -4.32
C VAL B 51 10.75 8.07 -5.17
N ASP B 52 11.60 7.26 -5.80
CA ASP B 52 12.67 7.74 -6.68
C ASP B 52 12.00 8.30 -7.93
N LEU B 53 12.10 9.60 -8.15
CA LEU B 53 11.46 10.22 -9.31
C LEU B 53 12.14 9.95 -10.64
N HIS B 54 13.43 9.66 -10.62
CA HIS B 54 14.15 9.36 -11.85
C HIS B 54 13.64 8.03 -12.37
N ASP B 55 13.52 7.06 -11.48
CA ASP B 55 13.00 5.74 -11.83
C ASP B 55 11.53 5.84 -12.23
N LEU B 56 10.77 6.65 -11.50
CA LEU B 56 9.34 6.80 -11.80
C LEU B 56 9.10 7.37 -13.19
N LYS B 57 9.88 8.37 -13.56
CA LYS B 57 9.74 8.97 -14.89
C LYS B 57 9.93 7.88 -15.98
N GLN B 58 10.90 7.01 -15.78
CA GLN B 58 11.16 5.94 -16.74
C GLN B 58 9.99 4.97 -16.81
N GLY B 59 9.50 4.57 -15.64
CA GLY B 59 8.38 3.64 -15.59
C GLY B 59 7.15 4.24 -16.24
N LEU B 60 6.85 5.50 -15.92
CA LEU B 60 5.69 6.14 -16.49
C LEU B 60 5.82 6.37 -17.99
N LEU B 61 7.01 6.76 -18.44
CA LEU B 61 7.21 6.96 -19.88
C LEU B 61 6.99 5.66 -20.61
N SER B 62 7.50 4.58 -20.04
CA SER B 62 7.37 3.25 -20.63
C SER B 62 5.89 2.97 -20.90
N ILE B 63 5.03 3.41 -19.98
CA ILE B 63 3.60 3.22 -20.11
C ILE B 63 2.97 4.18 -21.12
N LEU B 64 3.24 5.47 -20.94
CA LEU B 64 2.66 6.53 -21.77
C LEU B 64 3.21 6.80 -23.18
N LEU B 65 4.52 6.65 -23.36
CA LEU B 65 5.13 6.94 -24.66
C LEU B 65 4.41 6.36 -25.87
N GLY B 66 4.04 7.24 -26.80
CA GLY B 66 3.39 6.81 -28.02
C GLY B 66 1.89 6.62 -27.96
N GLN B 67 1.32 6.69 -26.75
CA GLN B 67 -0.13 6.52 -26.60
C GLN B 67 -0.95 7.75 -26.98
N ASN B 68 -2.21 7.50 -27.30
CA ASN B 68 -3.18 8.54 -27.66
C ASN B 68 -3.78 9.02 -26.33
N PRO B 69 -3.53 10.29 -25.95
CA PRO B 69 -4.06 10.81 -24.69
C PRO B 69 -5.57 10.63 -24.49
N PHE B 70 -6.31 10.47 -25.58
CA PHE B 70 -7.75 10.28 -25.51
C PHE B 70 -8.15 8.88 -25.06
N ASP B 71 -7.20 7.94 -25.03
CA ASP B 71 -7.49 6.59 -24.59
C ASP B 71 -7.41 6.54 -23.07
N LEU B 72 -8.28 7.30 -22.41
CA LEU B 72 -8.28 7.38 -20.96
C LEU B 72 -8.56 6.04 -20.24
N MET B 73 -9.51 5.27 -20.74
CA MET B 73 -9.84 3.99 -20.11
C MET B 73 -8.66 3.01 -20.23
N LYS B 74 -8.10 2.93 -21.43
CA LYS B 74 -6.96 2.04 -21.69
C LYS B 74 -5.78 2.43 -20.82
N ILE B 75 -5.43 3.70 -20.85
CA ILE B 75 -4.30 4.20 -20.06
C ILE B 75 -4.52 4.01 -18.56
N ASN B 76 -5.72 4.29 -18.07
CA ASN B 76 -5.97 4.12 -16.64
C ASN B 76 -5.91 2.66 -16.22
N LYS B 77 -6.27 1.75 -17.13
CA LYS B 77 -6.20 0.32 -16.85
C LYS B 77 -4.73 -0.03 -16.66
N GLU B 78 -3.89 0.40 -17.59
CA GLU B 78 -2.46 0.12 -17.52
C GLU B 78 -1.84 0.79 -16.31
N LEU B 79 -2.32 1.98 -15.94
CA LEU B 79 -1.78 2.65 -14.77
C LEU B 79 -2.11 1.83 -13.52
N THR B 80 -3.34 1.35 -13.42
CA THR B 80 -3.75 0.55 -12.28
C THR B 80 -3.02 -0.80 -12.28
N ASP B 81 -2.72 -1.34 -13.45
CA ASP B 81 -1.99 -2.60 -13.53
C ASP B 81 -0.61 -2.45 -12.89
N ASN B 82 0.04 -1.31 -13.13
CA ASN B 82 1.36 -1.05 -12.57
C ASN B 82 1.40 -0.45 -11.17
N PHE B 83 0.28 0.15 -10.76
CA PHE B 83 0.18 0.78 -9.44
C PHE B 83 -1.15 0.33 -8.82
N PRO B 84 -1.23 -0.95 -8.42
CA PRO B 84 -2.41 -1.58 -7.82
C PRO B 84 -2.99 -0.88 -6.59
N GLU B 85 -4.32 -0.99 -6.44
CA GLU B 85 -5.00 -0.41 -5.30
C GLU B 85 -4.61 -1.29 -4.12
N THR B 86 -4.40 -0.68 -2.96
CA THR B 86 -3.97 -1.42 -1.80
C THR B 86 -4.89 -1.40 -0.58
N MET B 87 -5.99 -0.66 -0.66
CA MET B 87 -6.91 -0.57 0.48
C MET B 87 -6.31 0.31 1.56
N TYR B 88 -5.37 1.17 1.19
CA TYR B 88 -4.74 2.07 2.14
C TYR B 88 -5.03 3.51 1.72
N TYR B 89 -5.43 4.31 2.70
CA TYR B 89 -5.78 5.71 2.47
C TYR B 89 -4.68 6.49 1.72
N TYR B 90 -3.43 6.35 2.14
CA TYR B 90 -2.35 7.09 1.51
C TYR B 90 -1.38 6.31 0.62
N GLU B 91 -1.89 5.47 -0.27
CA GLU B 91 -1.00 4.72 -1.16
C GLU B 91 -0.39 5.71 -2.16
N LYS B 92 0.94 5.83 -2.13
CA LYS B 92 1.60 6.78 -3.03
C LYS B 92 1.33 6.52 -4.50
N GLY B 93 1.02 5.26 -4.83
CA GLY B 93 0.72 4.92 -6.21
C GLY B 93 -0.55 5.62 -6.68
N SER B 94 -1.46 5.91 -5.75
CA SER B 94 -2.69 6.60 -6.12
C SER B 94 -2.40 8.05 -6.45
N PHE B 95 -1.47 8.66 -5.72
CA PHE B 95 -1.11 10.06 -5.96
C PHE B 95 -0.48 10.16 -7.35
N ILE B 96 0.33 9.16 -7.67
CA ILE B 96 1.01 9.09 -8.95
C ILE B 96 0.03 9.00 -10.12
N ARG B 97 -0.88 8.03 -10.04
CA ARG B 97 -1.87 7.87 -11.10
C ARG B 97 -2.68 9.14 -11.25
N ASN B 98 -3.00 9.77 -10.11
CA ASN B 98 -3.79 10.99 -10.12
C ASN B 98 -3.12 12.09 -10.96
N GLY B 99 -1.83 12.29 -10.73
CA GLY B 99 -1.10 13.31 -11.47
C GLY B 99 -1.10 13.07 -12.96
N ILE B 100 -0.96 11.81 -13.35
CA ILE B 100 -0.98 11.48 -14.75
C ILE B 100 -2.37 11.66 -15.38
N ASP B 101 -3.39 11.15 -14.71
CA ASP B 101 -4.75 11.25 -15.23
C ASP B 101 -5.25 12.69 -15.28
N ASN B 102 -4.94 13.53 -14.29
CA ASN B 102 -5.46 14.89 -14.42
C ASN B 102 -4.69 15.67 -15.50
N ALA B 103 -3.44 15.29 -15.74
CA ALA B 103 -2.65 15.95 -16.78
C ALA B 103 -3.23 15.54 -18.15
N LEU B 104 -3.71 14.30 -18.25
CA LEU B 104 -4.30 13.82 -19.49
C LEU B 104 -5.61 14.55 -19.76
N HIS B 105 -6.37 14.86 -18.71
CA HIS B 105 -7.63 15.57 -18.89
C HIS B 105 -7.32 16.97 -19.41
N ASP B 106 -6.31 17.60 -18.83
CA ASP B 106 -5.90 18.95 -19.22
C ASP B 106 -5.51 18.91 -20.70
N LEU B 107 -4.69 17.93 -21.06
CA LEU B 107 -4.21 17.75 -22.42
C LEU B 107 -5.35 17.57 -23.42
N CYS B 108 -6.24 16.61 -23.15
CA CYS B 108 -7.37 16.36 -24.05
C CYS B 108 -8.25 17.60 -24.22
N ALA B 109 -8.54 18.28 -23.11
CA ALA B 109 -9.38 19.48 -23.15
C ALA B 109 -8.72 20.58 -23.98
N LYS B 110 -7.41 20.77 -23.80
CA LYS B 110 -6.69 21.79 -24.56
C LYS B 110 -6.78 21.47 -26.05
N TYR B 111 -6.55 20.22 -26.40
CA TYR B 111 -6.63 19.79 -27.81
C TYR B 111 -8.01 20.10 -28.40
N LEU B 112 -9.05 19.89 -27.61
CA LEU B 112 -10.42 20.14 -28.07
C LEU B 112 -10.84 21.59 -27.93
N ASP B 113 -9.97 22.40 -27.32
CA ASP B 113 -10.26 23.82 -27.11
C ASP B 113 -11.51 24.00 -26.25
N ILE B 114 -11.59 23.24 -25.17
CA ILE B 114 -12.71 23.32 -24.23
C ILE B 114 -12.18 23.21 -22.80
N SER B 115 -13.00 23.61 -21.84
CA SER B 115 -12.62 23.52 -20.44
C SER B 115 -12.74 22.06 -20.02
N VAL B 116 -11.99 21.65 -19.01
CA VAL B 116 -12.10 20.28 -18.54
C VAL B 116 -13.54 20.06 -18.08
N SER B 117 -14.20 21.13 -17.63
CA SER B 117 -15.59 21.01 -17.19
C SER B 117 -16.45 20.35 -18.27
N ASP B 118 -16.29 20.81 -19.51
CA ASP B 118 -17.08 20.25 -20.60
C ASP B 118 -16.60 18.89 -21.09
N PHE B 119 -15.48 18.43 -20.55
CA PHE B 119 -14.94 17.12 -20.93
C PHE B 119 -15.40 16.12 -19.86
N LEU B 120 -15.98 16.63 -18.78
CA LEU B 120 -16.45 15.80 -17.66
C LEU B 120 -17.96 15.73 -17.47
N GLY B 121 -18.73 16.26 -18.41
CA GLY B 121 -20.18 16.20 -18.28
C GLY B 121 -20.84 17.54 -18.02
N GLY B 122 -20.09 18.62 -18.23
CA GLY B 122 -20.65 19.95 -18.05
C GLY B 122 -20.79 20.37 -16.60
N ARG B 123 -21.67 21.34 -16.35
CA ARG B 123 -21.85 21.81 -14.99
C ARG B 123 -23.26 21.71 -14.44
N VAL B 124 -23.32 21.48 -13.13
CA VAL B 124 -24.56 21.38 -12.40
C VAL B 124 -24.60 22.61 -11.49
N LYS B 125 -23.40 23.13 -11.20
CA LYS B 125 -23.25 24.31 -10.36
C LYS B 125 -21.95 24.99 -10.78
N GLU B 126 -21.78 26.26 -10.40
CA GLU B 126 -20.58 27.02 -10.78
C GLU B 126 -19.54 27.10 -9.67
N LYS B 127 -19.94 26.71 -8.47
CA LYS B 127 -19.04 26.75 -7.32
C LYS B 127 -19.52 25.72 -6.30
N ILE B 128 -18.61 25.31 -5.42
CA ILE B 128 -18.98 24.33 -4.40
C ILE B 128 -18.60 24.87 -3.02
N LYS B 129 -19.51 24.72 -2.06
CA LYS B 129 -19.25 25.18 -0.71
C LYS B 129 -18.19 24.30 -0.08
N VAL B 130 -17.18 24.92 0.52
CA VAL B 130 -16.11 24.18 1.18
C VAL B 130 -15.95 24.65 2.63
N CYS B 131 -15.05 24.03 3.37
CA CYS B 131 -14.82 24.43 4.76
C CYS B 131 -13.33 24.52 5.01
N TYR B 132 -12.94 25.38 5.95
CA TYR B 132 -11.53 25.55 6.30
C TYR B 132 -11.24 24.60 7.45
N PRO B 133 -10.12 23.86 7.37
CA PRO B 133 -9.75 22.90 8.42
C PRO B 133 -9.09 23.46 9.67
N ILE B 134 -9.47 22.87 10.79
CA ILE B 134 -8.88 23.21 12.08
C ILE B 134 -8.32 21.87 12.51
N PHE B 135 -7.00 21.76 12.50
CA PHE B 135 -6.34 20.51 12.84
C PHE B 135 -6.47 20.16 14.32
N ARG B 136 -6.45 18.86 14.62
CA ARG B 136 -6.65 18.41 15.98
C ARG B 136 -5.76 18.93 17.07
N HIS B 137 -6.40 19.17 18.21
CA HIS B 137 -5.73 19.64 19.41
C HIS B 137 -5.26 18.43 20.19
N ARG B 138 -3.98 18.40 20.54
CA ARG B 138 -3.46 17.31 21.35
C ARG B 138 -3.37 17.87 22.76
N PHE B 139 -3.37 19.19 22.85
CA PHE B 139 -3.29 19.89 24.14
C PHE B 139 -4.25 21.06 24.21
N SER B 140 -4.69 21.38 25.42
CA SER B 140 -5.61 22.49 25.65
C SER B 140 -4.99 23.83 25.30
N GLU B 141 -3.66 23.93 25.41
CA GLU B 141 -2.97 25.17 25.10
C GLU B 141 -2.92 25.46 23.60
N GLU B 142 -3.46 24.56 22.78
CA GLU B 142 -3.48 24.75 21.35
C GLU B 142 -4.78 25.42 20.90
N VAL B 143 -5.76 25.46 21.80
CA VAL B 143 -7.07 26.05 21.52
C VAL B 143 -7.07 27.51 21.10
N GLU B 144 -6.48 28.36 21.94
CA GLU B 144 -6.45 29.80 21.66
C GLU B 144 -6.05 30.11 20.21
N SER B 145 -4.91 29.57 19.79
CA SER B 145 -4.42 29.80 18.43
C SER B 145 -5.46 29.41 17.38
N ASN B 146 -6.09 28.26 17.55
CA ASN B 146 -7.10 27.78 16.62
C ASN B 146 -8.34 28.67 16.59
N LEU B 147 -8.63 29.33 17.72
CA LEU B 147 -9.77 30.23 17.77
C LEU B 147 -9.46 31.46 16.92
N ASP B 148 -8.21 31.88 16.90
CA ASP B 148 -7.82 33.03 16.10
C ASP B 148 -7.94 32.68 14.63
N VAL B 149 -7.61 31.42 14.29
CA VAL B 149 -7.71 30.98 12.90
C VAL B 149 -9.16 31.14 12.46
N VAL B 150 -10.09 30.70 13.31
CA VAL B 150 -11.51 30.82 13.00
C VAL B 150 -11.90 32.28 12.82
N ARG B 151 -11.48 33.11 13.76
CA ARG B 151 -11.79 34.53 13.73
C ARG B 151 -11.27 35.15 12.42
N GLN B 152 -10.04 34.83 12.08
CA GLN B 152 -9.42 35.35 10.88
C GLN B 152 -10.04 34.83 9.59
N LYS B 153 -10.25 33.53 9.48
CA LYS B 153 -10.82 32.97 8.27
C LYS B 153 -12.27 33.40 8.07
N LEU B 154 -13.01 33.57 9.16
CA LEU B 154 -14.41 33.98 9.06
C LEU B 154 -14.48 35.37 8.44
N GLU B 155 -13.57 36.24 8.87
CA GLU B 155 -13.51 37.60 8.37
C GLU B 155 -13.19 37.60 6.89
N GLN B 156 -12.47 36.58 6.45
CA GLN B 156 -12.08 36.43 5.06
C GLN B 156 -13.16 35.76 4.20
N GLY B 157 -14.25 35.36 4.85
CA GLY B 157 -15.33 34.74 4.09
C GLY B 157 -15.63 33.27 4.39
N PHE B 158 -14.76 32.59 5.11
CA PHE B 158 -15.01 31.18 5.42
C PHE B 158 -15.88 31.06 6.66
N ASP B 159 -17.17 30.83 6.47
CA ASP B 159 -18.07 30.68 7.62
C ASP B 159 -18.27 29.22 8.03
N VAL B 160 -17.70 28.29 7.25
CA VAL B 160 -17.81 26.87 7.58
C VAL B 160 -16.42 26.28 7.78
N PHE B 161 -16.28 25.47 8.82
CA PHE B 161 -15.02 24.81 9.14
C PHE B 161 -15.29 23.35 9.42
N ARG B 162 -14.21 22.58 9.59
CA ARG B 162 -14.33 21.19 9.98
C ARG B 162 -13.27 21.01 11.06
N LEU B 163 -13.53 20.14 12.02
CA LEU B 163 -12.60 19.93 13.11
C LEU B 163 -12.10 18.50 13.24
N TYR B 164 -10.78 18.34 13.33
CA TYR B 164 -10.18 17.02 13.49
C TYR B 164 -10.19 16.78 15.00
N VAL B 165 -10.72 15.64 15.42
CA VAL B 165 -10.83 15.31 16.84
C VAL B 165 -10.35 13.90 17.14
N GLY B 166 -10.42 13.49 18.40
CA GLY B 166 -10.02 12.13 18.75
C GLY B 166 -8.85 11.94 19.71
N LYS B 167 -7.83 12.80 19.62
CA LYS B 167 -6.64 12.68 20.48
C LYS B 167 -6.88 13.13 21.91
N ASN B 168 -7.55 14.26 22.07
CA ASN B 168 -7.83 14.83 23.40
C ASN B 168 -9.25 15.38 23.40
N LEU B 169 -10.21 14.57 23.82
CA LEU B 169 -11.61 14.99 23.85
C LEU B 169 -11.85 16.26 24.67
N ASP B 170 -11.09 16.44 25.74
CA ASP B 170 -11.25 17.64 26.56
C ASP B 170 -10.91 18.87 25.71
N ALA B 171 -9.81 18.78 24.99
CA ALA B 171 -9.37 19.89 24.13
C ALA B 171 -10.38 20.10 23.00
N ASP B 172 -10.85 19.00 22.40
CA ASP B 172 -11.82 19.08 21.32
C ASP B 172 -13.03 19.86 21.81
N GLU B 173 -13.56 19.43 22.94
CA GLU B 173 -14.73 20.04 23.56
C GLU B 173 -14.50 21.48 24.02
N GLU B 174 -13.28 21.81 24.42
CA GLU B 174 -12.97 23.17 24.87
C GLU B 174 -13.09 24.09 23.67
N PHE B 175 -12.54 23.65 22.55
CA PHE B 175 -12.58 24.42 21.31
C PHE B 175 -14.02 24.68 20.90
N LEU B 176 -14.78 23.61 20.71
CA LEU B 176 -16.19 23.72 20.30
C LEU B 176 -16.97 24.66 21.22
N SER B 177 -16.71 24.58 22.52
CA SER B 177 -17.39 25.43 23.48
C SER B 177 -17.03 26.90 23.27
N ARG B 178 -15.73 27.17 23.11
CA ARG B 178 -15.28 28.53 22.88
C ARG B 178 -15.90 29.11 21.61
N VAL B 179 -15.84 28.34 20.52
CA VAL B 179 -16.41 28.81 19.26
C VAL B 179 -17.87 29.22 19.40
N LYS B 180 -18.70 28.31 19.91
CA LYS B 180 -20.12 28.58 20.08
C LYS B 180 -20.32 29.85 20.94
N GLU B 181 -19.48 30.00 21.95
CA GLU B 181 -19.54 31.13 22.85
C GLU B 181 -19.23 32.45 22.15
N GLU B 182 -18.14 32.47 21.39
CA GLU B 182 -17.71 33.69 20.70
C GLU B 182 -18.44 34.02 19.41
N PHE B 183 -18.80 33.01 18.62
CA PHE B 183 -19.45 33.26 17.34
C PHE B 183 -20.94 32.92 17.26
N GLY B 184 -21.48 32.32 18.32
CA GLY B 184 -22.90 31.97 18.31
C GLY B 184 -23.25 31.02 17.18
N SER B 185 -23.89 31.55 16.15
CA SER B 185 -24.29 30.75 14.99
C SER B 185 -23.61 31.26 13.71
N ARG B 186 -22.73 32.24 13.86
CA ARG B 186 -22.02 32.83 12.71
C ARG B 186 -21.13 31.81 12.02
N VAL B 187 -20.60 30.87 12.79
CA VAL B 187 -19.73 29.84 12.23
C VAL B 187 -20.32 28.45 12.35
N ARG B 188 -20.08 27.62 11.35
CA ARG B 188 -20.54 26.25 11.34
C ARG B 188 -19.33 25.33 11.26
N ILE B 189 -19.39 24.22 11.99
CA ILE B 189 -18.33 23.22 11.97
C ILE B 189 -19.10 22.04 11.39
N LYS B 190 -18.95 21.85 10.07
CA LYS B 190 -19.71 20.82 9.36
C LYS B 190 -19.31 19.38 9.61
N SER B 191 -18.13 19.17 10.18
CA SER B 191 -17.68 17.81 10.43
C SER B 191 -16.70 17.67 11.57
N TYR B 192 -16.78 16.53 12.25
CA TYR B 192 -15.86 16.17 13.33
C TYR B 192 -15.19 14.95 12.73
N ASP B 193 -13.89 15.09 12.44
CA ASP B 193 -13.10 14.06 11.78
C ASP B 193 -12.19 13.32 12.75
N PHE B 194 -12.43 12.02 12.94
CA PHE B 194 -11.65 11.20 13.85
C PHE B 194 -10.38 10.61 13.22
N SER B 195 -10.28 10.70 11.90
CA SER B 195 -9.12 10.20 11.18
C SER B 195 -8.78 8.73 11.48
N HIS B 196 -9.81 7.89 11.62
CA HIS B 196 -9.63 6.47 11.88
C HIS B 196 -8.86 6.17 13.16
N LEU B 197 -8.73 7.17 14.02
CA LEU B 197 -7.97 6.99 15.26
C LEU B 197 -8.60 6.12 16.34
N LEU B 198 -9.93 6.10 16.42
CA LEU B 198 -10.62 5.34 17.45
C LEU B 198 -11.44 4.15 16.97
N ASN B 199 -11.62 3.15 17.86
CA ASN B 199 -12.46 2.01 17.54
C ASN B 199 -13.87 2.62 17.59
N TRP B 200 -14.83 2.01 16.90
CA TRP B 200 -16.16 2.61 16.85
C TRP B 200 -16.88 2.91 18.17
N LYS B 201 -16.74 2.03 19.16
CA LYS B 201 -17.40 2.29 20.44
C LYS B 201 -16.83 3.51 21.13
N ASP B 202 -15.51 3.66 21.09
CA ASP B 202 -14.91 4.84 21.71
C ASP B 202 -15.36 6.05 20.93
N ALA B 203 -15.44 5.91 19.61
CA ALA B 203 -15.89 7.01 18.75
C ALA B 203 -17.32 7.38 19.13
N HIS B 204 -18.13 6.36 19.42
CA HIS B 204 -19.52 6.58 19.80
C HIS B 204 -19.59 7.44 21.05
N ARG B 205 -18.75 7.11 22.03
CA ARG B 205 -18.69 7.86 23.27
C ARG B 205 -18.29 9.31 22.96
N ALA B 206 -17.24 9.47 22.15
CA ALA B 206 -16.76 10.78 21.77
C ALA B 206 -17.82 11.56 21.02
N ILE B 207 -18.47 10.89 20.07
CA ILE B 207 -19.53 11.51 19.28
C ILE B 207 -20.65 11.99 20.19
N LYS B 208 -21.03 11.16 21.14
CA LYS B 208 -22.10 11.51 22.06
C LYS B 208 -21.78 12.76 22.85
N ARG B 209 -20.54 12.92 23.29
CA ARG B 209 -20.19 14.11 24.05
C ARG B 209 -19.93 15.32 23.17
N LEU B 210 -19.26 15.12 22.03
CA LEU B 210 -18.97 16.24 21.14
C LEU B 210 -20.22 16.80 20.48
N THR B 211 -21.15 15.94 20.10
CA THR B 211 -22.37 16.39 19.44
C THR B 211 -23.29 17.20 20.35
N LYS B 212 -22.81 17.53 21.54
CA LYS B 212 -23.60 18.36 22.45
C LYS B 212 -23.53 19.74 21.81
N TYR B 213 -22.50 19.90 20.98
CA TYR B 213 -22.26 21.13 20.25
C TYR B 213 -22.59 20.85 18.79
N ASP B 214 -23.70 21.41 18.33
CA ASP B 214 -24.13 21.24 16.95
C ASP B 214 -24.18 22.61 16.28
N LEU B 215 -23.08 22.98 15.63
CA LEU B 215 -22.99 24.26 14.94
C LEU B 215 -23.09 23.96 13.45
N GLY B 216 -24.29 23.57 13.02
CA GLY B 216 -24.49 23.24 11.62
C GLY B 216 -23.72 21.97 11.26
N LEU B 217 -23.67 21.03 12.20
CA LEU B 217 -22.97 19.77 11.98
C LEU B 217 -23.65 19.00 10.85
N GLU B 218 -22.86 18.55 9.89
CA GLU B 218 -23.38 17.82 8.74
C GLU B 218 -23.04 16.34 8.75
N MET B 219 -21.88 16.00 9.32
CA MET B 219 -21.45 14.61 9.29
C MET B 219 -20.35 14.34 10.31
N ILE B 220 -20.11 13.06 10.56
CA ILE B 220 -19.03 12.62 11.43
C ILE B 220 -18.18 11.83 10.44
N GLU B 221 -16.89 12.18 10.33
CA GLU B 221 -16.04 11.51 9.37
C GLU B 221 -15.01 10.56 9.96
N SER B 222 -14.78 9.46 9.24
CA SER B 222 -13.82 8.43 9.64
C SER B 222 -13.87 8.07 11.11
N PRO B 223 -15.08 7.79 11.65
CA PRO B 223 -15.25 7.43 13.07
C PRO B 223 -14.90 5.98 13.42
N ALA B 224 -14.18 5.29 12.55
CA ALA B 224 -13.78 3.91 12.81
C ALA B 224 -12.43 3.65 12.16
N PRO B 225 -11.76 2.55 12.55
CA PRO B 225 -10.45 2.24 11.95
C PRO B 225 -10.57 2.04 10.44
N ARG B 226 -9.45 2.17 9.73
CA ARG B 226 -9.48 1.99 8.29
C ARG B 226 -10.02 0.62 7.93
N ASN B 227 -10.95 0.60 6.98
CA ASN B 227 -11.56 -0.64 6.49
C ASN B 227 -12.40 -1.41 7.51
N ASP B 228 -12.79 -0.76 8.60
CA ASP B 228 -13.65 -1.42 9.58
C ASP B 228 -15.10 -1.16 9.17
N PHE B 229 -15.53 -1.86 8.13
CA PHE B 229 -16.88 -1.71 7.60
C PHE B 229 -17.97 -2.07 8.61
N ASP B 230 -17.75 -3.13 9.39
CA ASP B 230 -18.73 -3.53 10.39
C ASP B 230 -18.89 -2.44 11.43
N GLY B 231 -17.76 -1.86 11.85
CA GLY B 231 -17.78 -0.80 12.84
C GLY B 231 -18.50 0.44 12.33
N LEU B 232 -18.23 0.81 11.07
CA LEU B 232 -18.88 1.96 10.45
C LEU B 232 -20.39 1.72 10.42
N TYR B 233 -20.79 0.52 10.03
CA TYR B 233 -22.20 0.18 9.96
C TYR B 233 -22.90 0.29 11.31
N GLN B 234 -22.30 -0.28 12.35
CA GLN B 234 -22.89 -0.23 13.69
C GLN B 234 -23.02 1.21 14.15
N LEU B 235 -22.00 2.01 13.84
CA LEU B 235 -21.99 3.41 14.23
C LEU B 235 -23.06 4.18 13.45
N ARG B 236 -23.27 3.79 12.20
CA ARG B 236 -24.26 4.43 11.35
C ARG B 236 -25.67 4.23 11.94
N LEU B 237 -25.85 3.10 12.61
CA LEU B 237 -27.14 2.77 13.23
C LEU B 237 -27.35 3.46 14.56
N LYS B 238 -26.25 3.77 15.24
CA LYS B 238 -26.30 4.43 16.54
C LYS B 238 -26.16 5.94 16.48
N THR B 239 -25.85 6.46 15.30
CA THR B 239 -25.66 7.91 15.16
C THR B 239 -26.76 8.54 14.31
N ASP B 240 -27.34 9.64 14.79
CA ASP B 240 -28.37 10.31 14.02
C ASP B 240 -27.71 11.01 12.83
N TYR B 241 -26.52 11.54 13.07
CA TYR B 241 -25.77 12.25 12.05
C TYR B 241 -25.25 11.33 10.95
N PRO B 242 -25.12 11.86 9.73
CA PRO B 242 -24.61 11.01 8.66
C PRO B 242 -23.16 10.65 8.98
N ILE B 243 -22.75 9.47 8.56
CA ILE B 243 -21.39 8.98 8.76
C ILE B 243 -20.70 9.08 7.39
N SER B 244 -19.52 9.69 7.33
CA SER B 244 -18.81 9.80 6.07
C SER B 244 -17.45 9.11 6.17
N GLU B 245 -16.99 8.57 5.05
CA GLU B 245 -15.70 7.90 5.00
C GLU B 245 -15.06 8.10 3.63
N HIS B 246 -13.74 8.19 3.62
CA HIS B 246 -12.98 8.37 2.39
C HIS B 246 -12.99 7.11 1.55
N VAL B 247 -12.95 7.30 0.23
CA VAL B 247 -12.91 6.18 -0.71
C VAL B 247 -11.48 6.11 -1.20
N TRP B 248 -10.75 5.07 -0.79
CA TRP B 248 -9.35 4.93 -1.22
C TRP B 248 -9.08 3.79 -2.21
N SER B 249 -10.10 2.98 -2.49
CA SER B 249 -9.98 1.89 -3.46
C SER B 249 -11.37 1.41 -3.79
N PHE B 250 -11.54 0.87 -5.00
CA PHE B 250 -12.84 0.37 -5.43
C PHE B 250 -13.33 -0.77 -4.56
N LYS B 251 -12.41 -1.66 -4.17
CA LYS B 251 -12.77 -2.79 -3.31
C LYS B 251 -13.34 -2.27 -2.00
N GLN B 252 -12.66 -1.29 -1.40
CA GLN B 252 -13.12 -0.70 -0.15
C GLN B 252 -14.50 -0.06 -0.33
N GLN B 253 -14.70 0.64 -1.45
CA GLN B 253 -15.99 1.28 -1.70
C GLN B 253 -17.08 0.24 -1.91
N GLN B 254 -16.76 -0.80 -2.69
CA GLN B 254 -17.71 -1.88 -2.96
C GLN B 254 -18.20 -2.45 -1.64
N GLU B 255 -17.28 -2.71 -0.72
CA GLU B 255 -17.62 -3.27 0.57
C GLU B 255 -18.47 -2.33 1.43
N MET B 256 -18.19 -1.03 1.40
CA MET B 256 -18.99 -0.11 2.20
C MET B 256 -20.39 0.00 1.60
N ILE B 257 -20.51 -0.24 0.30
CA ILE B 257 -21.81 -0.21 -0.37
C ILE B 257 -22.54 -1.51 -0.07
N LYS B 258 -21.84 -2.64 -0.21
CA LYS B 258 -22.41 -3.95 0.07
C LYS B 258 -23.01 -3.99 1.47
N LYS B 259 -22.27 -3.45 2.44
CA LYS B 259 -22.73 -3.44 3.82
C LYS B 259 -23.52 -2.21 4.24
N ASP B 260 -23.74 -1.26 3.32
CA ASP B 260 -24.47 -0.03 3.65
C ASP B 260 -23.84 0.56 4.91
N ALA B 261 -22.52 0.54 4.96
CA ALA B 261 -21.77 1.00 6.12
C ALA B 261 -21.75 2.50 6.40
N ILE B 262 -21.94 3.32 5.37
CA ILE B 262 -21.91 4.77 5.58
C ILE B 262 -23.03 5.52 4.86
N ASP B 263 -23.12 6.81 5.14
CA ASP B 263 -24.15 7.66 4.53
C ASP B 263 -23.57 8.55 3.44
N ILE B 264 -22.35 9.02 3.64
CA ILE B 264 -21.70 9.91 2.68
C ILE B 264 -20.34 9.38 2.25
N PHE B 265 -20.10 9.31 0.94
CA PHE B 265 -18.83 8.86 0.43
C PHE B 265 -17.96 10.06 0.12
N ASN B 266 -16.85 10.16 0.83
CA ASN B 266 -15.92 11.26 0.64
C ASN B 266 -14.97 10.82 -0.48
N ILE B 267 -15.19 11.41 -1.65
CA ILE B 267 -14.40 11.10 -2.83
C ILE B 267 -13.48 12.25 -3.23
N SER B 268 -12.21 11.91 -3.46
CA SER B 268 -11.21 12.89 -3.88
C SER B 268 -10.24 12.24 -4.86
N PRO B 269 -9.98 12.89 -6.01
CA PRO B 269 -9.08 12.35 -7.01
C PRO B 269 -7.75 11.76 -6.53
N VAL B 270 -7.03 12.51 -5.71
CA VAL B 270 -5.72 12.07 -5.24
C VAL B 270 -5.67 10.69 -4.54
N PHE B 271 -6.68 10.37 -3.74
CA PHE B 271 -6.71 9.10 -3.02
C PHE B 271 -7.23 7.90 -3.81
N ILE B 272 -7.88 8.17 -4.94
CA ILE B 272 -8.42 7.09 -5.73
C ILE B 272 -7.73 6.91 -7.09
N GLY B 273 -6.82 7.82 -7.43
CA GLY B 273 -6.10 7.70 -8.68
C GLY B 273 -6.35 8.68 -9.82
N GLY B 274 -7.11 9.74 -9.58
CA GLY B 274 -7.33 10.73 -10.63
C GLY B 274 -8.80 11.04 -10.90
N LEU B 275 -9.04 11.88 -11.91
CA LEU B 275 -10.40 12.28 -12.27
C LEU B 275 -11.18 11.09 -12.82
N THR B 276 -10.53 10.29 -13.66
CA THR B 276 -11.19 9.13 -14.23
C THR B 276 -11.66 8.18 -13.13
N SER B 277 -10.76 7.87 -12.19
CA SER B 277 -11.11 6.97 -11.09
C SER B 277 -12.13 7.58 -10.13
N ALA B 278 -12.04 8.89 -9.93
CA ALA B 278 -12.98 9.58 -9.04
C ALA B 278 -14.37 9.59 -9.66
N LYS B 279 -14.45 9.73 -10.98
CA LYS B 279 -15.74 9.71 -11.67
C LYS B 279 -16.39 8.35 -11.51
N LYS B 280 -15.58 7.30 -11.64
CA LYS B 280 -16.11 5.96 -11.49
C LYS B 280 -16.67 5.80 -10.08
N ALA B 281 -15.92 6.24 -9.08
CA ALA B 281 -16.35 6.13 -7.70
C ALA B 281 -17.62 6.95 -7.45
N ALA B 282 -17.67 8.15 -8.03
CA ALA B 282 -18.83 9.02 -7.86
C ALA B 282 -20.06 8.43 -8.52
N TYR B 283 -19.87 7.81 -9.69
CA TYR B 283 -20.98 7.21 -10.39
C TYR B 283 -21.46 5.97 -9.64
N ALA B 284 -20.53 5.24 -9.02
CA ALA B 284 -20.89 4.04 -8.28
C ALA B 284 -21.78 4.50 -7.12
N ALA B 285 -21.37 5.59 -6.47
CA ALA B 285 -22.14 6.14 -5.37
C ALA B 285 -23.52 6.58 -5.85
N GLU B 286 -23.58 7.21 -7.02
CA GLU B 286 -24.86 7.65 -7.58
C GLU B 286 -25.75 6.45 -7.82
N VAL B 287 -25.20 5.40 -8.43
CA VAL B 287 -25.96 4.19 -8.70
C VAL B 287 -26.48 3.60 -7.39
N ALA B 288 -25.71 3.79 -6.32
CA ALA B 288 -26.09 3.26 -5.01
C ALA B 288 -26.96 4.25 -4.23
N SER B 289 -27.33 5.36 -4.86
CA SER B 289 -28.15 6.40 -4.23
C SER B 289 -27.51 6.92 -2.95
N LYS B 290 -26.19 7.10 -3.00
CA LYS B 290 -25.44 7.59 -1.85
C LYS B 290 -24.95 9.01 -2.06
N ASP B 291 -24.93 9.79 -0.98
CA ASP B 291 -24.47 11.16 -1.01
C ASP B 291 -22.96 11.18 -1.15
N VAL B 292 -22.43 12.24 -1.75
CA VAL B 292 -21.00 12.38 -1.95
C VAL B 292 -20.51 13.76 -1.52
N VAL B 293 -19.30 13.80 -0.97
CA VAL B 293 -18.69 15.05 -0.59
C VAL B 293 -17.33 15.02 -1.25
N LEU B 294 -16.87 16.17 -1.72
CA LEU B 294 -15.57 16.23 -2.38
C LEU B 294 -14.52 16.37 -1.29
N GLY B 295 -13.73 15.32 -1.11
CA GLY B 295 -12.69 15.35 -0.09
C GLY B 295 -11.43 16.00 -0.59
N THR B 296 -10.38 15.94 0.23
CA THR B 296 -9.13 16.55 -0.17
C THR B 296 -7.92 16.05 0.62
N THR B 297 -6.74 16.26 0.05
CA THR B 297 -5.50 15.93 0.73
C THR B 297 -4.83 17.30 0.90
N GLN B 298 -5.55 18.31 0.41
CA GLN B 298 -5.10 19.71 0.41
C GLN B 298 -4.05 19.81 -0.71
N GLU B 299 -4.52 20.11 -1.91
CA GLU B 299 -3.60 20.20 -3.03
C GLU B 299 -3.36 21.65 -3.50
N LEU B 300 -2.43 21.81 -4.44
CA LEU B 300 -2.12 23.14 -4.98
C LEU B 300 -3.21 23.52 -5.97
N SER B 301 -3.05 24.66 -6.65
CA SER B 301 -4.08 25.12 -7.59
C SER B 301 -4.31 24.21 -8.79
N VAL B 302 -3.28 23.52 -9.25
CA VAL B 302 -3.47 22.63 -10.38
C VAL B 302 -4.42 21.49 -9.98
N GLY B 303 -4.12 20.87 -8.84
CA GLY B 303 -4.95 19.78 -8.36
C GLY B 303 -6.32 20.23 -7.92
N THR B 304 -6.41 21.42 -7.32
CA THR B 304 -7.68 21.96 -6.87
C THR B 304 -8.57 22.32 -8.06
N ALA B 305 -7.96 22.80 -9.14
CA ALA B 305 -8.73 23.16 -10.33
C ALA B 305 -9.39 21.89 -10.89
N ALA B 306 -8.57 20.85 -11.04
CA ALA B 306 -9.06 19.59 -11.56
C ALA B 306 -10.26 19.09 -10.77
N MET B 307 -10.15 19.08 -9.45
CA MET B 307 -11.26 18.60 -8.63
C MET B 307 -12.46 19.55 -8.63
N ALA B 308 -12.22 20.84 -8.88
CA ALA B 308 -13.30 21.81 -8.93
C ALA B 308 -14.17 21.52 -10.14
N HIS B 309 -13.54 21.14 -11.26
CA HIS B 309 -14.27 20.81 -12.48
C HIS B 309 -15.14 19.58 -12.26
N LEU B 310 -14.58 18.56 -11.61
CA LEU B 310 -15.32 17.33 -11.35
C LEU B 310 -16.45 17.65 -10.37
N GLY B 311 -16.10 18.34 -9.29
CA GLY B 311 -17.08 18.70 -8.28
C GLY B 311 -18.32 19.38 -8.84
N CYS B 312 -18.12 20.33 -9.74
CA CYS B 312 -19.25 21.05 -10.33
C CYS B 312 -20.05 20.27 -11.37
N SER B 313 -19.61 19.04 -11.68
CA SER B 313 -20.32 18.20 -12.64
C SER B 313 -21.19 17.14 -11.97
N LEU B 314 -20.96 16.93 -10.68
CA LEU B 314 -21.70 15.91 -9.93
C LEU B 314 -23.08 16.38 -9.45
N THR B 315 -24.04 15.47 -9.46
CA THR B 315 -25.40 15.79 -9.03
C THR B 315 -25.70 15.35 -7.61
N ASN B 316 -24.78 14.60 -7.00
CA ASN B 316 -25.04 14.12 -5.65
C ASN B 316 -24.18 14.67 -4.53
N ILE B 317 -23.74 15.93 -4.67
CA ILE B 317 -22.97 16.58 -3.62
C ILE B 317 -23.96 17.55 -2.97
N ASN B 318 -24.47 17.14 -1.82
CA ASN B 318 -25.47 17.91 -1.10
C ASN B 318 -25.00 18.37 0.28
N HIS B 319 -23.69 18.36 0.51
CA HIS B 319 -23.11 18.80 1.77
C HIS B 319 -21.86 19.64 1.48
N THR B 320 -21.29 20.23 2.51
CA THR B 320 -20.10 21.06 2.38
C THR B 320 -18.87 20.18 2.13
N SER B 321 -18.01 20.60 1.20
CA SER B 321 -16.81 19.84 0.85
C SER B 321 -15.55 20.36 1.54
N ASP B 322 -14.41 19.73 1.26
CA ASP B 322 -13.17 20.08 1.97
C ASP B 322 -11.95 20.71 1.30
N PRO B 323 -11.84 20.71 -0.03
CA PRO B 323 -10.64 21.28 -0.66
C PRO B 323 -10.34 22.77 -0.48
N THR B 324 -9.38 23.11 0.38
CA THR B 324 -8.98 24.50 0.61
C THR B 324 -7.46 24.63 0.57
N GLY B 325 -6.82 23.74 -0.17
CA GLY B 325 -5.37 23.74 -0.29
C GLY B 325 -4.72 25.08 -0.60
N PRO B 326 -5.12 25.74 -1.70
CA PRO B 326 -4.56 27.04 -2.10
C PRO B 326 -4.71 28.16 -1.06
N GLU B 327 -5.60 27.95 -0.09
CA GLU B 327 -5.82 28.92 0.98
C GLU B 327 -4.94 28.54 2.17
N LEU B 328 -4.58 27.26 2.23
CA LEU B 328 -3.77 26.73 3.32
C LEU B 328 -2.26 26.82 3.07
N TYR B 329 -1.86 26.68 1.82
CA TYR B 329 -0.44 26.74 1.46
C TYR B 329 -0.01 28.20 1.29
N VAL B 330 1.23 28.51 1.70
CA VAL B 330 1.72 29.88 1.60
C VAL B 330 2.08 30.23 0.16
N GLY B 331 2.45 29.23 -0.63
CA GLY B 331 2.80 29.48 -2.02
C GLY B 331 2.06 28.56 -2.96
N ASP B 332 2.30 28.75 -4.26
CA ASP B 332 1.66 27.93 -5.29
C ASP B 332 2.61 27.95 -6.49
N VAL B 333 2.23 27.26 -7.56
CA VAL B 333 3.09 27.20 -8.75
C VAL B 333 2.38 27.72 -10.00
N VAL B 334 1.36 28.53 -9.81
CA VAL B 334 0.60 29.05 -10.95
C VAL B 334 0.57 30.57 -11.02
N LYS B 335 0.18 31.09 -12.18
CA LYS B 335 0.09 32.52 -12.36
C LYS B 335 -1.09 33.09 -11.58
N ASN B 336 -2.20 32.37 -11.56
CA ASN B 336 -3.38 32.78 -10.82
C ASN B 336 -4.00 31.57 -10.10
N ARG B 337 -4.04 31.65 -8.77
CA ARG B 337 -4.58 30.58 -7.95
C ARG B 337 -6.08 30.41 -8.15
N VAL B 338 -6.61 29.25 -7.79
CA VAL B 338 -8.04 29.03 -7.91
C VAL B 338 -8.70 30.06 -6.98
N THR B 339 -9.95 30.41 -7.24
CA THR B 339 -10.61 31.41 -6.40
C THR B 339 -11.61 30.88 -5.39
N TYR B 340 -11.56 31.46 -4.19
CA TYR B 340 -12.44 31.15 -3.08
C TYR B 340 -13.13 32.45 -2.68
N LYS B 341 -14.45 32.42 -2.58
CA LYS B 341 -15.20 33.61 -2.19
C LYS B 341 -16.39 33.16 -1.36
N ASP B 342 -16.58 33.79 -0.20
CA ASP B 342 -17.68 33.48 0.68
C ASP B 342 -17.72 31.99 1.04
N GLY B 343 -16.54 31.38 1.19
CA GLY B 343 -16.50 29.97 1.56
C GLY B 343 -16.87 29.01 0.44
N TYR B 344 -16.75 29.47 -0.80
CA TYR B 344 -17.06 28.64 -1.96
C TYR B 344 -15.83 28.55 -2.86
N LEU B 345 -15.64 27.36 -3.44
CA LEU B 345 -14.53 27.14 -4.38
C LEU B 345 -15.15 27.25 -5.76
N TYR B 346 -14.64 28.17 -6.57
CA TYR B 346 -15.18 28.38 -7.90
C TYR B 346 -14.47 27.53 -8.95
N ALA B 347 -15.25 26.98 -9.86
CA ALA B 347 -14.70 26.19 -10.94
C ALA B 347 -13.99 27.18 -11.86
N PRO B 348 -12.82 26.82 -12.41
CA PRO B 348 -12.07 27.71 -13.30
C PRO B 348 -12.93 28.19 -14.47
N ASP B 349 -12.54 29.33 -15.04
CA ASP B 349 -13.25 29.93 -16.17
C ASP B 349 -13.56 28.87 -17.23
N ARG B 350 -14.85 28.67 -17.49
CA ARG B 350 -15.29 27.67 -18.46
C ARG B 350 -14.88 28.01 -19.89
N SER B 351 -14.49 29.27 -20.12
CA SER B 351 -14.08 29.73 -21.44
C SER B 351 -12.63 29.38 -21.73
N VAL B 352 -11.86 29.12 -20.68
CA VAL B 352 -10.46 28.80 -20.85
C VAL B 352 -10.29 27.30 -21.08
N LYS B 353 -9.71 26.93 -22.21
CA LYS B 353 -9.50 25.52 -22.54
C LYS B 353 -8.52 24.87 -21.57
N GLY B 354 -8.77 23.60 -21.25
CA GLY B 354 -7.91 22.91 -20.31
C GLY B 354 -8.39 23.06 -18.89
N LEU B 355 -7.47 22.96 -17.95
CA LEU B 355 -7.78 23.07 -16.53
C LEU B 355 -8.17 24.50 -16.15
N GLY B 356 -7.75 25.46 -16.96
CA GLY B 356 -8.06 26.86 -16.66
C GLY B 356 -7.03 27.45 -15.72
N ILE B 357 -5.88 26.79 -15.62
CA ILE B 357 -4.79 27.23 -14.75
C ILE B 357 -3.52 27.33 -15.58
N GLU B 358 -2.57 28.13 -15.13
CA GLU B 358 -1.31 28.29 -15.86
C GLU B 358 -0.12 28.22 -14.93
N LEU B 359 0.85 27.37 -15.27
CA LEU B 359 2.05 27.24 -14.45
C LEU B 359 2.90 28.50 -14.54
N ASP B 360 3.63 28.77 -13.47
CA ASP B 360 4.51 29.93 -13.40
C ASP B 360 5.89 29.32 -13.19
N GLU B 361 6.66 29.25 -14.26
CA GLU B 361 7.99 28.66 -14.21
C GLU B 361 8.90 29.21 -13.13
N SER B 362 8.75 30.50 -12.81
CA SER B 362 9.59 31.10 -11.78
C SER B 362 9.24 30.53 -10.42
N LEU B 363 7.97 30.23 -10.20
CA LEU B 363 7.52 29.67 -8.92
C LEU B 363 7.92 28.20 -8.84
N LEU B 364 7.94 27.51 -9.98
CA LEU B 364 8.35 26.11 -10.00
C LEU B 364 9.82 26.05 -9.57
N ALA B 365 10.61 27.00 -10.05
CA ALA B 365 12.03 27.06 -9.69
C ALA B 365 12.17 27.44 -8.22
N LYS B 366 11.40 28.44 -7.80
CA LYS B 366 11.46 28.91 -6.42
C LYS B 366 11.21 27.80 -5.39
N TYR B 367 10.17 27.01 -5.61
CA TYR B 367 9.82 25.93 -4.68
C TYR B 367 10.43 24.58 -5.01
N GLN B 368 11.29 24.53 -6.02
CA GLN B 368 11.91 23.29 -6.42
C GLN B 368 12.64 22.61 -5.27
N VAL B 369 12.57 21.29 -5.24
CA VAL B 369 13.23 20.47 -4.24
C VAL B 369 13.88 19.35 -5.06
N PRO B 370 15.06 18.87 -4.64
CA PRO B 370 15.77 17.81 -5.36
C PRO B 370 15.09 16.45 -5.42
N ASP B 371 14.27 16.15 -4.42
CA ASP B 371 13.57 14.88 -4.34
C ASP B 371 12.42 14.92 -3.34
N LEU B 372 11.80 13.76 -3.12
CA LEU B 372 10.69 13.68 -2.19
C LEU B 372 11.12 13.19 -0.81
N SER B 373 12.41 13.34 -0.50
CA SER B 373 12.94 12.91 0.79
C SER B 373 12.20 13.52 1.97
N TRP B 374 12.21 12.80 3.09
CA TRP B 374 11.57 13.25 4.31
C TRP B 374 12.49 14.08 5.20
N ASP B 375 11.90 15.01 5.95
CA ASP B 375 12.65 15.83 6.89
C ASP B 375 12.22 15.34 8.27
N ASN B 376 12.79 15.93 9.32
CA ASN B 376 12.44 15.55 10.67
C ASN B 376 10.96 15.80 10.96
N VAL B 377 10.24 14.74 11.31
CA VAL B 377 8.82 14.84 11.60
C VAL B 377 8.38 13.64 12.42
N THR B 378 7.40 13.84 13.30
CA THR B 378 6.91 12.76 14.16
C THR B 378 5.65 12.14 13.57
N VAL B 379 5.30 10.96 14.07
CA VAL B 379 4.09 10.26 13.61
C VAL B 379 2.86 11.11 13.91
N HIS B 380 2.80 11.67 15.12
CA HIS B 380 1.67 12.51 15.51
C HIS B 380 1.53 13.69 14.55
N GLN B 381 2.65 14.28 14.17
CA GLN B 381 2.64 15.41 13.25
C GLN B 381 2.16 15.00 11.87
N LEU B 382 2.56 13.80 11.42
CA LEU B 382 2.14 13.34 10.11
C LEU B 382 0.65 13.00 10.10
N GLN B 383 0.16 12.50 11.23
CA GLN B 383 -1.26 12.15 11.34
C GLN B 383 -2.11 13.41 11.43
N ASP B 384 -1.64 14.41 12.18
CA ASP B 384 -2.40 15.64 12.38
C ASP B 384 -2.08 16.80 11.44
N ARG B 385 -1.01 16.67 10.67
CA ARG B 385 -0.60 17.71 9.74
C ARG B 385 -0.22 18.97 10.53
N THR B 386 0.54 18.77 11.61
CA THR B 386 0.98 19.87 12.46
C THR B 386 2.50 20.01 12.47
N ALA B 387 2.99 21.13 12.99
CA ALA B 387 4.42 21.37 13.05
C ALA B 387 4.77 22.22 14.26
C1 LMR C . 8.34 -15.01 -6.22
O1A LMR C . 8.69 -16.03 -6.85
O1B LMR C . 9.01 -13.97 -6.38
C2 LMR C . 7.13 -15.08 -5.29
O2 LMR C . 7.04 -13.96 -4.37
C3 LMR C . 5.79 -15.10 -6.05
C4 LMR C . 4.54 -15.08 -5.15
O4A LMR C . 4.32 -14.09 -4.40
O4B LMR C . 3.78 -16.08 -5.17
MG MG D . 8.87 -12.55 -4.48
C1 LMR E . -3.99 17.11 4.79
O1A LMR E . -4.32 18.16 5.41
O1B LMR E . -2.80 17.02 4.42
C2 LMR E . -5.04 16.02 4.55
O2 LMR E . -4.67 15.08 3.50
C3 LMR E . -5.32 15.18 5.80
C4 LMR E . -6.42 14.12 5.65
O4A LMR E . -6.29 13.19 4.82
O4B LMR E . -7.45 14.22 6.39
MG MG F . -2.74 15.53 2.47
#